data_6G8B
#
_entry.id   6G8B
#
_cell.length_a   122.109
_cell.length_b   122.109
_cell.length_c   172.021
_cell.angle_alpha   90.00
_cell.angle_beta   90.00
_cell.angle_gamma   120.00
#
_symmetry.space_group_name_H-M   'P 31 2 1'
#
loop_
_entity.id
_entity.type
_entity.pdbx_description
1 polymer 'Aminopeptidase N'
2 non-polymer 'ZINC ION'
3 non-polymer 'SODIUM ION'
4 non-polymer 'DIMETHYL SULFOXIDE'
5 non-polymer [(7~{S})-1-bromanyl-6,6-bis(oxidanyl)-4-phenyl-5,7,8,9-tetrahydrobenzo[7]annulen-7-yl]azanium
6 water water
#
_entity_poly.entity_id   1
_entity_poly.type   'polypeptide(L)'
_entity_poly.pdbx_seq_one_letter_code
;MGSSHHHHHHSSGENLYFQGHMTQQPQAKYRHDYRAPDYQITDIDLTFDLDAQKTVVTAVSQAVRHGASDAPLRLNGEDL
KLVSVHINDEPWTAWKEEEGALVISNLPERFTLKIINEISPAANTALEGLYQSGDALCTQCEAEGFRHITYYLDRPDVLA
RFTTKIIADKIKYPFLLSNGNRVAQGELENGRHWVQWQDPFPKPCYLFALVAGDFDVLRDTFTTRSGREVALELYVDRGN
LDRAPWAMTSLKNSMKWDEERFGLEYDLDIYMIVAVDFFNMGAMENKGLNIFNSKYVLARTDTATDKDYLDIERVIGHEY
FHNWTGNRVTCRDWFQLSLKEGLTVFRDQEFSSDLGSRAVNRINNVRTMRGLQFAEDASPMAHPIRPDMVIEMNNFYTLT
VYEKGAEVIRMIHTLLGEENFQKGMQLYFERHDGSAATCDDFVQAMEDASNVDLSHFRRWYSQSGTPIVTVKDDYNPETE
QYTLTISQRTPATPDQAEKQPLHIPFAIELYDNEGKVIPLQKGGHPVNSVLNVTQAEQTFVFDNVYFQPVPALLCEFSAP
VKLEYKWSDQQLTFLMRHARNDFSRWDAAQSLLATYIKLNVARHQQGQPLSLPVHVADAFRAVLLDEKIDPALAAEILTL
PSVNEMAELFDIIDPIAIAEVREALTRTLATELADELLAIYNANYQSEYRVEHEDIAKRTLRNACLRFLAFGETHLADVL
VSKQFHEANNMTDALAALSAAVAAQLPCRDALMQEYDDKWHQNGLVMDKWFILQATSPAANVLETVRGLLQHRSFTMSNP
NRIRSLIGAFAGSNPAAFHAEDGSGYLFLVEMLTDLNSRNPQVASRLIEPLIRLKRYDAKRQEKMRAALEQLKGLENLSG
DLYEKITKALA
;
_entity_poly.pdbx_strand_id   A
#
# COMPACT_ATOMS: atom_id res chain seq x y z
N GLN A 24 -31.37 -0.46 -9.58
N GLN A 24 -31.38 -4.65 -12.26
CA GLN A 24 -30.71 -1.76 -9.61
CA GLN A 24 -31.46 -5.19 -10.91
C GLN A 24 -29.20 -1.61 -9.47
C GLN A 24 -30.06 -5.42 -10.34
N GLN A 25 -28.64 -2.30 -8.48
N GLN A 25 -29.62 -4.49 -9.49
CA GLN A 25 -27.19 -2.25 -8.25
CA GLN A 25 -28.32 -4.55 -8.84
C GLN A 25 -26.46 -2.80 -9.47
C GLN A 25 -27.20 -4.31 -9.85
N PRO A 26 -25.14 -2.63 -9.56
N PRO A 26 -26.11 -3.66 -9.46
CA PRO A 26 -24.44 -3.02 -10.79
CA PRO A 26 -25.02 -3.38 -10.42
C PRO A 26 -24.19 -4.51 -10.87
C PRO A 26 -24.30 -4.66 -10.80
N GLN A 27 -24.36 -5.04 -12.08
CA GLN A 27 -23.86 -6.35 -12.46
C GLN A 27 -22.34 -6.38 -12.39
N ALA A 28 -21.80 -7.57 -12.10
CA ALA A 28 -20.36 -7.75 -12.03
C ALA A 28 -19.78 -7.96 -13.43
N LYS A 29 -18.48 -7.68 -13.55
CA LYS A 29 -17.73 -7.86 -14.79
CA LYS A 29 -17.75 -7.88 -14.79
CA LYS A 29 -17.73 -7.86 -14.79
C LYS A 29 -16.68 -8.94 -14.58
N TYR A 30 -16.42 -9.72 -15.63
CA TYR A 30 -15.54 -10.88 -15.54
C TYR A 30 -14.38 -10.76 -16.51
N ARG A 31 -13.20 -11.21 -16.07
CA ARG A 31 -11.99 -11.09 -16.87
C ARG A 31 -12.08 -11.90 -18.15
N HIS A 32 -12.77 -13.04 -18.13
CA HIS A 32 -12.84 -13.87 -19.33
C HIS A 32 -13.70 -13.26 -20.43
N ASP A 33 -14.39 -12.15 -20.16
CA ASP A 33 -15.21 -11.48 -21.17
C ASP A 33 -14.47 -10.39 -21.94
N TYR A 34 -13.16 -10.28 -21.78
CA TYR A 34 -12.44 -9.22 -22.48
C TYR A 34 -12.61 -9.37 -23.99
N ARG A 35 -12.90 -8.26 -24.66
CA ARG A 35 -12.99 -8.21 -26.11
CA ARG A 35 -12.99 -8.21 -26.11
C ARG A 35 -12.40 -6.88 -26.58
N ALA A 36 -11.65 -6.93 -27.67
CA ALA A 36 -11.06 -5.71 -28.20
C ALA A 36 -12.16 -4.69 -28.51
N PRO A 37 -11.84 -3.40 -28.47
CA PRO A 37 -12.88 -2.37 -28.66
C PRO A 37 -13.32 -2.26 -30.11
N ASP A 38 -14.62 -2.02 -30.31
CA ASP A 38 -15.15 -1.82 -31.66
C ASP A 38 -14.62 -0.53 -32.28
N TYR A 39 -14.29 0.46 -31.45
CA TYR A 39 -13.83 1.76 -31.93
C TYR A 39 -12.59 2.18 -31.16
N GLN A 40 -11.66 2.81 -31.86
CA GLN A 40 -10.48 3.41 -31.25
C GLN A 40 -10.53 4.92 -31.44
N ILE A 41 -9.88 5.64 -30.54
CA ILE A 41 -9.70 7.08 -30.62
C ILE A 41 -8.20 7.35 -30.61
N THR A 42 -7.71 8.03 -31.65
CA THR A 42 -6.28 8.25 -31.81
C THR A 42 -5.82 9.62 -31.31
N ASP A 43 -6.69 10.63 -31.33
CA ASP A 43 -6.34 11.97 -30.92
C ASP A 43 -7.58 12.62 -30.34
N ILE A 44 -7.39 13.43 -29.31
CA ILE A 44 -8.49 14.17 -28.68
C ILE A 44 -8.01 15.57 -28.33
N ASP A 45 -8.80 16.57 -28.72
CA ASP A 45 -8.52 17.97 -28.43
CA ASP A 45 -8.52 17.97 -28.42
C ASP A 45 -9.59 18.45 -27.45
N LEU A 46 -9.17 18.80 -26.24
CA LEU A 46 -10.07 19.20 -25.17
C LEU A 46 -9.98 20.71 -24.94
N THR A 47 -11.12 21.31 -24.64
CA THR A 47 -11.19 22.71 -24.22
C THR A 47 -12.04 22.78 -22.96
N PHE A 48 -11.50 23.40 -21.91
CA PHE A 48 -12.20 23.60 -20.65
C PHE A 48 -12.42 25.09 -20.46
N ASP A 49 -13.68 25.49 -20.29
CA ASP A 49 -14.03 26.83 -19.82
C ASP A 49 -14.35 26.67 -18.34
N LEU A 50 -13.36 26.95 -17.50
CA LEU A 50 -13.41 26.54 -16.10
C LEU A 50 -14.28 27.46 -15.26
N ASP A 51 -15.03 26.86 -14.34
CA ASP A 51 -15.72 27.57 -13.27
C ASP A 51 -16.12 26.54 -12.23
N ALA A 52 -16.07 26.95 -10.95
CA ALA A 52 -16.36 26.02 -9.88
C ALA A 52 -17.81 25.55 -9.92
N GLN A 53 -18.75 26.46 -10.16
CA GLN A 53 -20.16 26.10 -10.20
C GLN A 53 -20.51 25.38 -11.50
N LYS A 54 -19.96 25.84 -12.62
CA LYS A 54 -20.24 25.25 -13.93
C LYS A 54 -18.98 25.30 -14.78
N THR A 55 -18.57 24.14 -15.28
CA THR A 55 -17.48 24.04 -16.25
C THR A 55 -18.04 23.47 -17.56
N VAL A 56 -17.64 24.07 -18.68
CA VAL A 56 -18.06 23.62 -20.00
C VAL A 56 -16.90 22.93 -20.67
N VAL A 57 -17.12 21.69 -21.11
CA VAL A 57 -16.08 20.87 -21.73
C VAL A 57 -16.44 20.68 -23.20
N THR A 58 -15.46 20.88 -24.08
CA THR A 58 -15.60 20.60 -25.49
C THR A 58 -14.51 19.61 -25.89
N ALA A 59 -14.91 18.48 -26.47
CA ALA A 59 -13.99 17.40 -26.79
C ALA A 59 -14.15 17.01 -28.25
N VAL A 60 -13.07 17.15 -29.02
CA VAL A 60 -13.03 16.79 -30.43
C VAL A 60 -12.11 15.58 -30.56
N SER A 61 -12.67 14.44 -30.92
CA SER A 61 -11.93 13.19 -31.00
C SER A 61 -11.92 12.65 -32.43
N GLN A 62 -10.77 12.13 -32.86
CA GLN A 62 -10.64 11.44 -34.14
C GLN A 62 -10.80 9.94 -33.88
N ALA A 63 -11.82 9.34 -34.48
CA ALA A 63 -12.18 7.96 -34.21
C ALA A 63 -11.97 7.08 -35.44
N VAL A 64 -11.74 5.80 -35.18
CA VAL A 64 -11.52 4.80 -36.22
C VAL A 64 -12.25 3.53 -35.79
N ARG A 65 -13.08 2.99 -36.69
CA ARG A 65 -13.82 1.77 -36.40
C ARG A 65 -12.99 0.55 -36.73
N HIS A 66 -12.90 -0.37 -35.77
CA HIS A 66 -12.23 -1.65 -35.94
CA HIS A 66 -12.23 -1.65 -35.98
C HIS A 66 -13.19 -2.84 -35.97
N GLY A 67 -14.44 -2.64 -35.55
CA GLY A 67 -15.41 -3.70 -35.47
C GLY A 67 -16.33 -3.75 -36.68
N ALA A 68 -17.52 -4.31 -36.48
CA ALA A 68 -18.46 -4.50 -37.57
C ALA A 68 -19.07 -3.15 -37.98
N SER A 69 -19.44 -3.06 -39.26
CA SER A 69 -19.94 -1.81 -39.80
CA SER A 69 -19.95 -1.82 -39.81
C SER A 69 -21.23 -1.36 -39.13
N ASP A 70 -21.98 -2.27 -38.51
CA ASP A 70 -23.23 -1.94 -37.85
C ASP A 70 -23.11 -1.86 -36.34
N ALA A 71 -21.89 -1.88 -35.80
CA ALA A 71 -21.70 -1.79 -34.36
C ALA A 71 -21.72 -0.32 -33.95
N PRO A 72 -22.52 0.06 -32.96
CA PRO A 72 -22.55 1.46 -32.53
C PRO A 72 -21.37 1.80 -31.63
N LEU A 73 -21.16 3.10 -31.48
CA LEU A 73 -20.16 3.61 -30.56
C LEU A 73 -20.81 3.81 -29.20
N ARG A 74 -20.27 3.15 -28.17
CA ARG A 74 -20.77 3.26 -26.81
CA ARG A 74 -20.77 3.25 -26.81
C ARG A 74 -19.73 4.00 -25.97
N LEU A 75 -20.09 5.20 -25.54
CA LEU A 75 -19.22 6.03 -24.72
C LEU A 75 -19.69 6.00 -23.27
N ASN A 76 -18.73 5.96 -22.34
CA ASN A 76 -19.05 6.02 -20.93
C ASN A 76 -19.23 7.47 -20.48
N GLY A 77 -20.14 7.67 -19.53
CA GLY A 77 -20.36 8.99 -18.96
C GLY A 77 -21.17 8.96 -17.69
N GLU A 78 -20.82 9.80 -16.71
CA GLU A 78 -21.52 9.84 -15.43
C GLU A 78 -21.76 11.28 -15.00
N ASP A 79 -23.01 11.57 -14.62
CA ASP A 79 -23.40 12.89 -14.12
CA ASP A 79 -23.40 12.89 -14.12
CA ASP A 79 -23.40 12.88 -14.13
C ASP A 79 -22.90 13.99 -15.05
N LEU A 80 -23.30 13.89 -16.32
CA LEU A 80 -22.95 14.87 -17.34
C LEU A 80 -24.23 15.47 -17.91
N LYS A 81 -24.19 16.77 -18.22
CA LYS A 81 -25.28 17.44 -18.91
C LYS A 81 -24.84 17.63 -20.35
N LEU A 82 -25.41 16.84 -21.25
CA LEU A 82 -25.03 16.89 -22.65
C LEU A 82 -25.60 18.13 -23.32
N VAL A 83 -24.78 18.78 -24.15
CA VAL A 83 -25.17 19.99 -24.83
C VAL A 83 -25.28 19.80 -26.34
N SER A 84 -24.38 19.03 -26.94
CA SER A 84 -24.46 18.82 -28.39
C SER A 84 -23.56 17.67 -28.79
N VAL A 85 -23.93 17.04 -29.92
N VAL A 85 -23.93 17.02 -29.90
CA VAL A 85 -23.18 15.92 -30.49
CA VAL A 85 -23.15 15.93 -30.47
C VAL A 85 -23.09 16.15 -31.99
C VAL A 85 -23.09 16.13 -31.98
N HIS A 86 -21.87 16.27 -32.51
CA HIS A 86 -21.64 16.45 -33.93
C HIS A 86 -20.73 15.35 -34.45
N ILE A 87 -21.00 14.90 -35.68
CA ILE A 87 -20.15 13.96 -36.39
C ILE A 87 -19.72 14.64 -37.69
N ASN A 88 -18.42 14.88 -37.84
CA ASN A 88 -17.88 15.61 -38.99
C ASN A 88 -18.59 16.96 -39.16
N ASP A 89 -18.87 17.62 -38.03
CA ASP A 89 -19.53 18.93 -37.97
C ASP A 89 -21.01 18.89 -38.30
N GLU A 90 -21.60 17.70 -38.45
CA GLU A 90 -23.03 17.57 -38.71
C GLU A 90 -23.74 17.27 -37.39
N PRO A 91 -24.69 18.10 -36.94
CA PRO A 91 -25.49 17.72 -35.77
C PRO A 91 -26.12 16.36 -35.95
N TRP A 92 -25.85 15.44 -35.01
CA TRP A 92 -26.23 14.05 -35.17
C TRP A 92 -27.58 13.78 -34.53
N THR A 93 -28.39 12.94 -35.18
CA THR A 93 -29.69 12.56 -34.67
C THR A 93 -29.78 11.10 -34.23
N ALA A 94 -28.84 10.26 -34.66
CA ALA A 94 -28.89 8.83 -34.36
C ALA A 94 -28.06 8.53 -33.11
N TRP A 95 -28.61 8.96 -31.98
CA TRP A 95 -27.96 8.73 -30.70
C TRP A 95 -29.01 8.65 -29.60
N LYS A 96 -28.61 8.08 -28.47
CA LYS A 96 -29.51 7.93 -27.33
CA LYS A 96 -29.50 7.95 -27.33
C LYS A 96 -28.66 7.81 -26.06
N GLU A 97 -29.13 8.41 -24.98
CA GLU A 97 -28.49 8.31 -23.68
C GLU A 97 -29.13 7.20 -22.86
N GLU A 98 -28.30 6.40 -22.22
CA GLU A 98 -28.75 5.35 -21.32
C GLU A 98 -28.00 5.49 -19.99
N GLU A 99 -28.32 4.59 -19.06
CA GLU A 99 -27.67 4.63 -17.75
C GLU A 99 -26.16 4.57 -17.92
N GLY A 100 -25.49 5.70 -17.70
CA GLY A 100 -24.04 5.74 -17.74
C GLY A 100 -23.44 5.60 -19.12
N ALA A 101 -24.16 5.96 -20.17
CA ALA A 101 -23.61 5.77 -21.51
C ALA A 101 -24.31 6.68 -22.51
N LEU A 102 -23.59 6.94 -23.60
CA LEU A 102 -24.13 7.62 -24.78
C LEU A 102 -23.85 6.70 -25.97
N VAL A 103 -24.91 6.30 -26.66
CA VAL A 103 -24.82 5.30 -27.73
C VAL A 103 -25.09 6.01 -29.05
N ILE A 104 -24.12 5.94 -29.97
CA ILE A 104 -24.19 6.62 -31.26
C ILE A 104 -24.12 5.56 -32.36
N SER A 105 -25.06 5.64 -33.31
CA SER A 105 -25.23 4.63 -34.34
C SER A 105 -24.97 5.20 -35.73
N ASN A 106 -24.83 4.28 -36.69
CA ASN A 106 -24.83 4.62 -38.12
C ASN A 106 -23.63 5.47 -38.51
N LEU A 107 -22.46 5.12 -38.01
CA LEU A 107 -21.26 5.92 -38.18
C LEU A 107 -20.41 5.40 -39.34
N PRO A 108 -19.58 6.26 -39.91
CA PRO A 108 -18.61 5.81 -40.92
C PRO A 108 -17.39 5.17 -40.26
N GLU A 109 -16.45 4.73 -41.09
CA GLU A 109 -15.27 4.04 -40.60
CA GLU A 109 -15.27 4.04 -40.59
C GLU A 109 -14.28 5.00 -39.95
N ARG A 110 -14.23 6.25 -40.42
CA ARG A 110 -13.37 7.28 -39.85
CA ARG A 110 -13.38 7.27 -39.83
C ARG A 110 -14.16 8.58 -39.78
N PHE A 111 -14.06 9.29 -38.66
CA PHE A 111 -14.84 10.50 -38.48
C PHE A 111 -14.31 11.29 -37.29
N THR A 112 -14.78 12.52 -37.17
CA THR A 112 -14.47 13.42 -36.08
C THR A 112 -15.70 13.56 -35.20
N LEU A 113 -15.56 13.21 -33.93
CA LEU A 113 -16.63 13.33 -32.95
C LEU A 113 -16.41 14.57 -32.10
N LYS A 114 -17.43 15.41 -32.01
CA LYS A 114 -17.38 16.62 -31.18
CA LYS A 114 -17.38 16.62 -31.18
C LYS A 114 -18.51 16.57 -30.17
N ILE A 115 -18.16 16.58 -28.88
CA ILE A 115 -19.12 16.56 -27.79
CA ILE A 115 -19.14 16.57 -27.79
C ILE A 115 -18.93 17.82 -26.95
N ILE A 116 -20.04 18.40 -26.51
CA ILE A 116 -20.03 19.52 -25.57
C ILE A 116 -20.95 19.16 -24.41
N ASN A 117 -20.43 19.26 -23.19
CA ASN A 117 -21.18 18.92 -21.99
C ASN A 117 -20.77 19.83 -20.85
N GLU A 118 -21.55 19.78 -19.77
CA GLU A 118 -21.32 20.62 -18.61
C GLU A 118 -21.20 19.77 -17.35
N ILE A 119 -20.39 20.26 -16.41
CA ILE A 119 -20.16 19.60 -15.13
C ILE A 119 -20.06 20.66 -14.04
N SER A 120 -20.14 20.22 -12.79
CA SER A 120 -20.15 21.12 -11.63
CA SER A 120 -20.15 21.12 -11.63
C SER A 120 -19.12 20.64 -10.62
N PRO A 121 -17.87 21.12 -10.71
CA PRO A 121 -16.86 20.68 -9.75
C PRO A 121 -17.20 20.98 -8.30
N ALA A 122 -17.95 22.05 -8.03
CA ALA A 122 -18.23 22.42 -6.65
C ALA A 122 -19.13 21.42 -5.95
N ALA A 123 -19.94 20.68 -6.69
CA ALA A 123 -20.82 19.68 -6.12
C ALA A 123 -20.20 18.30 -6.03
N ASN A 124 -18.92 18.15 -6.41
CA ASN A 124 -18.28 16.84 -6.47
C ASN A 124 -17.60 16.55 -5.14
N THR A 125 -18.36 15.97 -4.21
CA THR A 125 -17.83 15.61 -2.91
C THR A 125 -17.15 14.25 -2.90
N ALA A 126 -17.33 13.45 -3.95
CA ALA A 126 -16.70 12.13 -4.04
C ALA A 126 -15.24 12.22 -4.49
N LEU A 127 -14.82 13.36 -5.02
CA LEU A 127 -13.41 13.59 -5.36
C LEU A 127 -12.94 12.68 -6.49
N GLU A 128 -13.81 12.41 -7.46
CA GLU A 128 -13.43 11.68 -8.66
CA GLU A 128 -13.44 11.68 -8.67
C GLU A 128 -13.90 12.47 -9.87
N GLY A 129 -13.00 12.66 -10.83
CA GLY A 129 -13.26 13.56 -11.94
C GLY A 129 -12.66 14.92 -11.67
N LEU A 130 -13.34 16.00 -12.05
CA LEU A 130 -12.88 17.37 -11.78
C LEU A 130 -13.60 17.87 -10.54
N TYR A 131 -12.83 18.30 -9.54
CA TYR A 131 -13.41 18.70 -8.26
C TYR A 131 -12.62 19.86 -7.67
N GLN A 132 -13.07 20.31 -6.49
CA GLN A 132 -12.48 21.44 -5.81
CA GLN A 132 -12.49 21.45 -5.80
C GLN A 132 -11.68 20.96 -4.61
N SER A 133 -10.44 21.43 -4.51
CA SER A 133 -9.58 21.17 -3.35
C SER A 133 -9.26 22.54 -2.77
N GLY A 134 -10.02 22.95 -1.76
CA GLY A 134 -9.91 24.31 -1.26
C GLY A 134 -10.33 25.32 -2.31
N ASP A 135 -9.41 26.16 -2.75
CA ASP A 135 -9.70 27.12 -3.81
C ASP A 135 -9.25 26.64 -5.19
N ALA A 136 -8.47 25.58 -5.26
CA ALA A 136 -7.98 25.07 -6.53
C ALA A 136 -8.96 24.07 -7.14
N LEU A 137 -8.80 23.84 -8.43
CA LEU A 137 -9.50 22.79 -9.15
C LEU A 137 -8.47 21.76 -9.59
N CYS A 138 -8.79 20.48 -9.37
CA CYS A 138 -7.89 19.39 -9.75
C CYS A 138 -8.71 18.17 -10.14
N THR A 139 -8.01 17.16 -10.66
CA THR A 139 -8.66 15.97 -11.19
C THR A 139 -8.10 14.70 -10.56
N GLN A 140 -8.93 13.66 -10.58
CA GLN A 140 -8.50 12.29 -10.34
C GLN A 140 -9.30 11.40 -11.28
N CYS A 141 -8.61 10.64 -12.15
CA CYS A 141 -9.27 9.89 -13.20
C CYS A 141 -9.11 8.38 -13.12
N GLU A 142 -8.19 7.87 -12.31
CA GLU A 142 -8.08 6.42 -12.12
C GLU A 142 -9.05 5.99 -11.02
N ALA A 143 -9.81 4.91 -11.24
CA ALA A 143 -9.75 4.06 -12.43
C ALA A 143 -10.62 4.57 -13.59
N GLU A 144 -11.85 5.00 -13.27
CA GLU A 144 -12.86 5.33 -14.27
C GLU A 144 -13.48 6.69 -13.98
N GLY A 145 -12.62 7.71 -13.83
CA GLY A 145 -13.07 9.04 -13.46
C GLY A 145 -13.22 9.98 -14.64
N PHE A 146 -12.51 9.72 -15.73
CA PHE A 146 -12.59 10.61 -16.88
C PHE A 146 -14.00 10.68 -17.44
N ARG A 147 -14.79 9.61 -17.29
CA ARG A 147 -16.17 9.62 -17.74
C ARG A 147 -17.04 10.58 -16.94
N HIS A 148 -16.54 11.09 -15.82
CA HIS A 148 -17.22 12.16 -15.08
C HIS A 148 -16.87 13.55 -15.63
N ILE A 149 -16.02 13.62 -16.65
CA ILE A 149 -15.66 14.88 -17.29
C ILE A 149 -16.31 15.02 -18.66
N THR A 150 -16.36 13.93 -19.43
CA THR A 150 -16.99 13.95 -20.74
C THR A 150 -17.26 12.51 -21.17
N TYR A 151 -18.07 12.37 -22.21
CA TYR A 151 -18.35 11.05 -22.78
C TYR A 151 -17.13 10.57 -23.57
N TYR A 152 -16.65 9.38 -23.25
CA TYR A 152 -15.39 8.90 -23.80
C TYR A 152 -15.32 7.39 -23.67
N LEU A 153 -14.36 6.79 -24.39
CA LEU A 153 -14.05 5.37 -24.26
C LEU A 153 -13.13 5.21 -23.06
N ASP A 154 -13.74 5.13 -21.88
CA ASP A 154 -13.01 5.16 -20.61
C ASP A 154 -12.52 3.76 -20.26
N ARG A 155 -11.55 3.29 -21.03
CA ARG A 155 -10.97 1.96 -20.86
C ARG A 155 -9.49 2.05 -21.23
N PRO A 156 -8.61 1.35 -20.51
CA PRO A 156 -7.17 1.63 -20.63
C PRO A 156 -6.51 1.09 -21.90
N ASP A 157 -7.20 0.29 -22.71
CA ASP A 157 -6.62 -0.15 -23.97
C ASP A 157 -6.93 0.79 -25.14
N VAL A 158 -7.57 1.93 -24.89
CA VAL A 158 -7.73 2.99 -25.87
C VAL A 158 -6.72 4.08 -25.53
N LEU A 159 -5.77 4.29 -26.44
CA LEU A 159 -4.65 5.20 -26.22
CA LEU A 159 -4.65 5.21 -26.21
C LEU A 159 -4.70 6.31 -27.27
N ALA A 160 -4.79 7.56 -26.81
CA ALA A 160 -4.94 8.71 -27.70
C ALA A 160 -3.95 9.81 -27.33
N ARG A 161 -3.63 10.64 -28.32
CA ARG A 161 -2.77 11.80 -28.13
C ARG A 161 -3.63 12.99 -27.72
N PHE A 162 -3.32 13.58 -26.57
CA PHE A 162 -4.14 14.62 -25.98
C PHE A 162 -3.58 16.02 -26.24
N THR A 163 -4.49 16.96 -26.45
CA THR A 163 -4.18 18.38 -26.44
CA THR A 163 -4.18 18.38 -26.44
C THR A 163 -5.27 19.07 -25.63
N THR A 164 -4.86 19.85 -24.64
CA THR A 164 -5.79 20.41 -23.65
C THR A 164 -5.64 21.92 -23.58
N LYS A 165 -6.73 22.64 -23.84
CA LYS A 165 -6.79 24.09 -23.71
C LYS A 165 -7.65 24.43 -22.50
N ILE A 166 -7.13 25.29 -21.63
CA ILE A 166 -7.79 25.65 -20.38
C ILE A 166 -8.07 27.15 -20.41
N ILE A 167 -9.27 27.52 -20.02
CA ILE A 167 -9.71 28.92 -19.98
C ILE A 167 -10.29 29.18 -18.60
N ALA A 168 -9.81 30.25 -17.94
CA ALA A 168 -10.23 30.51 -16.57
C ALA A 168 -10.01 31.98 -16.22
N ASP A 169 -10.57 32.37 -15.08
CA ASP A 169 -10.33 33.70 -14.54
C ASP A 169 -8.89 33.81 -14.08
N LYS A 170 -8.21 34.86 -14.54
CA LYS A 170 -6.77 34.96 -14.32
C LYS A 170 -6.44 35.20 -12.85
N ILE A 171 -7.22 36.04 -12.16
CA ILE A 171 -6.91 36.37 -10.77
C ILE A 171 -7.13 35.16 -9.88
N LYS A 172 -8.20 34.40 -10.11
CA LYS A 172 -8.48 33.24 -9.28
CA LYS A 172 -8.48 33.24 -9.28
C LYS A 172 -7.63 32.03 -9.65
N TYR A 173 -7.31 31.86 -10.94
CA TYR A 173 -6.56 30.70 -11.42
C TYR A 173 -5.38 31.15 -12.27
N PRO A 174 -4.34 31.70 -11.65
CA PRO A 174 -3.18 32.16 -12.43
C PRO A 174 -2.35 31.04 -13.03
N PHE A 175 -2.43 29.82 -12.49
CA PHE A 175 -1.70 28.68 -13.03
C PHE A 175 -2.69 27.67 -13.59
N LEU A 176 -2.49 27.30 -14.86
CA LEU A 176 -3.37 26.36 -15.56
C LEU A 176 -2.49 25.26 -16.15
N LEU A 177 -2.60 24.05 -15.59
CA LEU A 177 -1.67 22.98 -15.89
C LEU A 177 -2.38 21.76 -16.49
N SER A 178 -1.68 21.06 -17.38
CA SER A 178 -2.12 19.78 -17.90
C SER A 178 -0.90 18.99 -18.34
N ASN A 179 -1.14 17.78 -18.86
CA ASN A 179 -0.06 16.91 -19.28
C ASN A 179 0.73 17.54 -20.43
N GLY A 180 2.05 17.34 -20.42
CA GLY A 180 2.88 17.65 -21.57
C GLY A 180 3.59 18.99 -21.51
N ASN A 181 3.65 19.68 -22.66
CA ASN A 181 4.35 20.95 -22.78
C ASN A 181 3.37 22.07 -23.16
N ARG A 182 3.68 23.28 -22.73
CA ARG A 182 2.91 24.44 -23.17
C ARG A 182 3.21 24.75 -24.63
N VAL A 183 2.16 24.85 -25.44
CA VAL A 183 2.30 25.13 -26.86
C VAL A 183 1.57 26.38 -27.31
N ALA A 184 0.71 26.96 -26.47
CA ALA A 184 -0.03 28.15 -26.84
C ALA A 184 -0.55 28.81 -25.57
N GLN A 185 -0.84 30.10 -25.67
CA GLN A 185 -1.34 30.85 -24.53
C GLN A 185 -1.79 32.22 -25.01
N GLY A 186 -2.85 32.73 -24.39
CA GLY A 186 -3.36 34.04 -24.74
C GLY A 186 -4.18 34.61 -23.60
N GLU A 187 -4.57 35.88 -23.79
CA GLU A 187 -5.43 36.57 -22.85
C GLU A 187 -6.71 37.00 -23.54
N LEU A 188 -7.78 37.05 -22.76
CA LEU A 188 -9.10 37.41 -23.22
C LEU A 188 -9.60 38.62 -22.43
N GLU A 189 -10.78 39.10 -22.79
CA GLU A 189 -11.37 40.19 -22.04
CA GLU A 189 -11.42 40.18 -22.07
C GLU A 189 -12.10 39.65 -20.81
N ASN A 190 -12.57 40.57 -19.97
CA ASN A 190 -13.26 40.23 -18.73
C ASN A 190 -12.36 39.46 -17.77
N GLY A 191 -11.05 39.67 -17.89
CA GLY A 191 -10.11 39.14 -16.93
C GLY A 191 -9.84 37.65 -17.03
N ARG A 192 -10.05 37.06 -18.19
CA ARG A 192 -9.81 35.64 -18.40
C ARG A 192 -8.59 35.44 -19.28
N HIS A 193 -7.94 34.29 -19.12
CA HIS A 193 -6.78 33.92 -19.92
C HIS A 193 -6.84 32.43 -20.19
N TRP A 194 -5.91 31.94 -21.01
CA TRP A 194 -5.92 30.53 -21.37
C TRP A 194 -4.51 30.04 -21.68
N VAL A 195 -4.35 28.72 -21.55
CA VAL A 195 -3.11 28.02 -21.88
C VAL A 195 -3.48 26.72 -22.55
N GLN A 196 -2.68 26.29 -23.53
CA GLN A 196 -2.87 25.03 -24.22
C GLN A 196 -1.66 24.14 -24.01
N TRP A 197 -1.93 22.87 -23.73
CA TRP A 197 -0.90 21.87 -23.46
C TRP A 197 -0.98 20.74 -24.48
N GLN A 198 0.16 20.14 -24.78
CA GLN A 198 0.24 19.05 -25.74
CA GLN A 198 0.24 19.04 -25.73
C GLN A 198 1.15 17.97 -25.17
N ASP A 199 0.64 16.74 -25.11
CA ASP A 199 1.39 15.59 -24.63
C ASP A 199 1.57 14.63 -25.80
N PRO A 200 2.80 14.41 -26.27
CA PRO A 200 2.98 13.63 -27.52
C PRO A 200 2.85 12.14 -27.35
N PHE A 201 2.85 11.62 -26.14
CA PHE A 201 2.75 10.18 -25.93
C PHE A 201 1.29 9.77 -25.85
N PRO A 202 0.82 8.84 -26.69
CA PRO A 202 -0.54 8.33 -26.52
C PRO A 202 -0.72 7.76 -25.12
N LYS A 203 -1.90 7.95 -24.55
CA LYS A 203 -2.16 7.47 -23.20
C LYS A 203 -3.62 7.10 -23.04
N PRO A 204 -3.95 6.21 -22.12
CA PRO A 204 -5.34 6.02 -21.73
C PRO A 204 -5.80 7.21 -20.89
N CYS A 205 -7.11 7.43 -20.89
CA CYS A 205 -7.64 8.65 -20.27
C CYS A 205 -7.44 8.67 -18.77
N TYR A 206 -7.20 7.53 -18.11
CA TYR A 206 -7.01 7.56 -16.66
C TYR A 206 -5.75 8.29 -16.25
N LEU A 207 -4.86 8.62 -17.19
CA LEU A 207 -3.65 9.36 -16.93
C LEU A 207 -3.77 10.84 -17.28
N PHE A 208 -4.96 11.29 -17.64
CA PHE A 208 -5.19 12.71 -17.85
C PHE A 208 -5.25 13.44 -16.52
N ALA A 209 -4.75 14.68 -16.52
CA ALA A 209 -4.77 15.51 -15.31
C ALA A 209 -4.93 16.97 -15.71
N LEU A 210 -5.62 17.72 -14.83
CA LEU A 210 -5.78 19.16 -14.97
C LEU A 210 -5.74 19.78 -13.59
N VAL A 211 -5.05 20.91 -13.48
CA VAL A 211 -4.94 21.66 -12.23
C VAL A 211 -5.06 23.15 -12.54
N ALA A 212 -5.81 23.86 -11.71
CA ALA A 212 -5.95 25.31 -11.85
C ALA A 212 -6.00 25.92 -10.46
N GLY A 213 -5.19 26.95 -10.24
CA GLY A 213 -5.18 27.63 -8.97
C GLY A 213 -3.96 28.54 -8.86
N ASP A 214 -3.73 28.98 -7.62
CA ASP A 214 -2.61 29.85 -7.28
CA ASP A 214 -2.61 29.85 -7.29
C ASP A 214 -1.68 29.09 -6.34
N PHE A 215 -0.39 29.07 -6.68
CA PHE A 215 0.58 28.28 -5.94
C PHE A 215 1.91 29.01 -5.85
N ASP A 216 2.69 28.65 -4.83
CA ASP A 216 4.13 28.84 -4.87
C ASP A 216 4.74 27.66 -5.62
N VAL A 217 5.87 27.93 -6.29
CA VAL A 217 6.50 26.93 -7.16
C VAL A 217 7.98 26.84 -6.79
N LEU A 218 8.41 25.65 -6.39
CA LEU A 218 9.83 25.35 -6.23
C LEU A 218 10.34 24.75 -7.53
N ARG A 219 11.37 25.38 -8.11
CA ARG A 219 11.88 25.00 -9.42
C ARG A 219 13.31 24.54 -9.31
N ASP A 220 13.63 23.46 -10.03
CA ASP A 220 14.96 22.87 -10.03
C ASP A 220 15.14 22.17 -11.37
N THR A 221 16.26 21.45 -11.52
N THR A 221 16.28 21.50 -11.54
CA THR A 221 16.60 20.82 -12.78
CA THR A 221 16.56 20.79 -12.78
C THR A 221 17.31 19.50 -12.50
C THR A 221 17.28 19.48 -12.48
N PHE A 222 17.16 18.55 -13.42
CA PHE A 222 17.85 17.27 -13.37
C PHE A 222 18.32 16.94 -14.76
N THR A 223 19.58 16.55 -14.89
CA THR A 223 20.18 16.22 -16.18
C THR A 223 20.38 14.71 -16.24
N THR A 224 19.80 14.07 -17.26
CA THR A 224 19.91 12.63 -17.39
C THR A 224 21.34 12.24 -17.78
N ARG A 225 21.62 10.93 -17.71
CA ARG A 225 22.96 10.47 -18.05
CA ARG A 225 22.95 10.44 -18.06
C ARG A 225 23.31 10.72 -19.51
N SER A 226 22.32 10.83 -20.37
CA SER A 226 22.55 11.11 -21.79
C SER A 226 22.55 12.60 -22.10
N GLY A 227 22.26 13.46 -21.13
CA GLY A 227 22.37 14.89 -21.30
C GLY A 227 21.07 15.65 -21.41
N ARG A 228 19.91 14.99 -21.31
CA ARG A 228 18.65 15.70 -21.37
CA ARG A 228 18.65 15.69 -21.36
C ARG A 228 18.43 16.46 -20.06
N GLU A 229 18.19 17.76 -20.18
CA GLU A 229 17.91 18.60 -19.02
CA GLU A 229 17.91 18.59 -19.01
C GLU A 229 16.41 18.64 -18.78
N VAL A 230 15.98 18.23 -17.59
CA VAL A 230 14.57 18.16 -17.23
C VAL A 230 14.28 19.24 -16.20
N ALA A 231 13.31 20.09 -16.51
CA ALA A 231 12.85 21.08 -15.54
C ALA A 231 11.90 20.41 -14.55
N LEU A 232 12.17 20.59 -13.26
CA LEU A 232 11.35 20.05 -12.19
C LEU A 232 10.58 21.20 -11.54
N GLU A 233 9.28 21.00 -11.33
CA GLU A 233 8.40 22.02 -10.80
C GLU A 233 7.47 21.40 -9.77
N LEU A 234 7.54 21.89 -8.53
CA LEU A 234 6.70 21.41 -7.43
CA LEU A 234 6.70 21.40 -7.44
C LEU A 234 5.79 22.54 -7.00
N TYR A 235 4.48 22.34 -7.19
CA TYR A 235 3.47 23.34 -6.87
C TYR A 235 2.89 23.06 -5.49
N VAL A 236 2.93 24.07 -4.62
CA VAL A 236 2.43 23.96 -3.25
C VAL A 236 1.64 25.21 -2.91
N ASP A 237 0.89 25.14 -1.81
CA ASP A 237 0.10 26.28 -1.35
C ASP A 237 1.01 27.42 -0.92
N ARG A 238 0.54 28.64 -1.13
CA ARG A 238 1.30 29.82 -0.76
C ARG A 238 1.78 29.72 0.68
N GLY A 239 3.10 29.89 0.86
CA GLY A 239 3.71 29.86 2.18
C GLY A 239 4.42 28.58 2.54
N ASN A 240 4.43 27.58 1.65
CA ASN A 240 4.97 26.27 1.98
C ASN A 240 6.24 25.93 1.22
N LEU A 241 6.88 26.92 0.58
CA LEU A 241 8.12 26.64 -0.14
C LEU A 241 9.18 26.01 0.76
N ASP A 242 9.19 26.35 2.04
CA ASP A 242 10.18 25.80 2.96
C ASP A 242 9.87 24.37 3.38
N ARG A 243 8.79 23.79 2.87
CA ARG A 243 8.39 22.42 3.18
CA ARG A 243 8.42 22.41 3.19
C ARG A 243 8.58 21.48 2.00
N ALA A 244 9.08 21.96 0.87
CA ALA A 244 9.21 21.19 -0.36
C ALA A 244 10.61 20.66 -0.68
N PRO A 245 11.69 21.23 -0.13
CA PRO A 245 13.03 20.77 -0.54
C PRO A 245 13.24 19.27 -0.47
N TRP A 246 12.74 18.58 0.56
CA TRP A 246 12.98 17.16 0.69
C TRP A 246 12.29 16.37 -0.43
N ALA A 247 11.05 16.75 -0.78
CA ALA A 247 10.36 16.10 -1.88
C ALA A 247 11.15 16.28 -3.18
N MET A 248 11.63 17.50 -3.44
CA MET A 248 12.43 17.74 -4.64
C MET A 248 13.67 16.87 -4.64
N THR A 249 14.35 16.78 -3.50
CA THR A 249 15.54 15.94 -3.40
C THR A 249 15.20 14.49 -3.68
N SER A 250 14.07 14.01 -3.18
CA SER A 250 13.67 12.62 -3.39
C SER A 250 13.37 12.35 -4.86
N LEU A 251 12.77 13.31 -5.55
CA LEU A 251 12.52 13.14 -6.98
C LEU A 251 13.84 12.95 -7.72
N LYS A 252 14.81 13.84 -7.50
CA LYS A 252 16.12 13.68 -8.14
C LYS A 252 16.73 12.33 -7.78
N ASN A 253 16.64 11.93 -6.52
CA ASN A 253 17.17 10.63 -6.12
C ASN A 253 16.48 9.51 -6.87
N SER A 254 15.17 9.63 -7.07
CA SER A 254 14.43 8.61 -7.82
C SER A 254 14.91 8.53 -9.26
N MET A 255 15.14 9.70 -9.89
CA MET A 255 15.55 9.70 -11.28
CA MET A 255 15.56 9.71 -11.29
C MET A 255 16.93 9.10 -11.46
N LYS A 256 17.86 9.38 -10.54
CA LYS A 256 19.20 8.81 -10.65
CA LYS A 256 19.20 8.81 -10.65
C LYS A 256 19.18 7.30 -10.40
N TRP A 257 18.40 6.85 -9.43
CA TRP A 257 18.36 5.43 -9.11
C TRP A 257 17.81 4.62 -10.27
N ASP A 258 16.73 5.08 -10.91
CA ASP A 258 16.15 4.32 -12.02
C ASP A 258 17.16 4.17 -13.16
N GLU A 259 17.99 5.19 -13.38
CA GLU A 259 19.06 5.08 -14.36
C GLU A 259 20.06 4.00 -13.97
N GLU A 260 20.53 4.04 -12.72
CA GLU A 260 21.59 3.13 -12.29
C GLU A 260 21.11 1.69 -12.20
N ARG A 261 19.93 1.47 -11.63
CA ARG A 261 19.46 0.12 -11.36
C ARG A 261 18.74 -0.50 -12.56
N PHE A 262 17.91 0.26 -13.26
CA PHE A 262 17.12 -0.25 -14.37
C PHE A 262 17.50 0.32 -15.73
N GLY A 263 18.38 1.33 -15.77
CA GLY A 263 18.79 1.90 -17.04
C GLY A 263 17.71 2.69 -17.75
N LEU A 264 16.82 3.34 -17.00
CA LEU A 264 15.69 4.05 -17.56
C LEU A 264 15.84 5.54 -17.33
N GLU A 265 15.59 6.34 -18.36
CA GLU A 265 15.63 7.79 -18.29
C GLU A 265 14.25 8.38 -18.51
N TYR A 266 14.01 9.55 -17.93
CA TYR A 266 12.78 10.28 -18.17
C TYR A 266 12.71 10.71 -19.63
N ASP A 267 11.49 10.82 -20.15
CA ASP A 267 11.26 10.93 -21.59
C ASP A 267 10.65 12.27 -22.00
N LEU A 268 10.49 13.22 -21.08
N LEU A 268 10.53 13.22 -21.08
CA LEU A 268 9.83 14.48 -21.37
CA LEU A 268 10.11 14.58 -21.39
C LEU A 268 10.72 15.64 -20.93
C LEU A 268 11.10 15.55 -20.76
N ASP A 269 10.22 16.86 -21.11
N ASP A 269 10.93 16.84 -21.08
CA ASP A 269 10.99 18.07 -20.84
CA ASP A 269 11.74 17.90 -20.53
C ASP A 269 10.72 18.64 -19.46
C ASP A 269 11.00 18.69 -19.46
N ILE A 270 9.51 18.50 -18.94
N ILE A 270 9.93 18.13 -18.90
CA ILE A 270 9.15 18.99 -17.62
CA ILE A 270 9.09 18.84 -17.95
C ILE A 270 8.65 17.83 -16.78
C ILE A 270 8.45 17.84 -16.99
N TYR A 271 8.78 17.95 -15.46
N TYR A 271 8.73 17.98 -15.70
CA TYR A 271 8.19 17.02 -14.51
CA TYR A 271 8.14 17.14 -14.66
C TYR A 271 7.52 17.83 -13.41
C TYR A 271 7.49 18.03 -13.62
N MET A 272 6.19 17.87 -13.42
CA MET A 272 5.41 18.67 -12.49
C MET A 272 4.79 17.78 -11.41
N ILE A 273 4.80 18.28 -10.18
CA ILE A 273 4.09 17.66 -9.05
C ILE A 273 3.26 18.75 -8.38
N VAL A 274 2.03 18.41 -8.04
CA VAL A 274 1.10 19.32 -7.37
C VAL A 274 0.64 18.67 -6.07
N ALA A 275 0.76 19.40 -4.97
CA ALA A 275 0.30 18.94 -3.67
C ALA A 275 -1.07 19.52 -3.38
N VAL A 276 -2.04 18.66 -3.07
CA VAL A 276 -3.40 19.08 -2.77
C VAL A 276 -3.81 18.48 -1.42
N ASP A 277 -4.67 19.22 -0.71
CA ASP A 277 -5.08 18.81 0.63
C ASP A 277 -6.23 17.79 0.60
N PHE A 278 -7.05 17.79 -0.44
CA PHE A 278 -8.21 16.91 -0.54
C PHE A 278 -7.93 15.88 -1.64
N PHE A 279 -7.72 14.63 -1.24
N PHE A 279 -7.68 14.64 -1.24
CA PHE A 279 -7.29 13.60 -2.18
CA PHE A 279 -7.29 13.60 -2.18
C PHE A 279 -7.60 12.24 -1.58
C PHE A 279 -7.57 12.25 -1.56
N ASN A 280 -8.24 11.36 -2.34
N ASN A 280 -8.20 11.36 -2.31
CA ASN A 280 -8.62 10.04 -1.84
CA ASN A 280 -8.58 10.06 -1.79
C ASN A 280 -7.47 9.05 -1.91
C ASN A 280 -7.48 9.03 -1.92
N MET A 281 -6.72 9.07 -3.02
CA MET A 281 -5.82 7.97 -3.35
C MET A 281 -4.34 8.28 -3.23
N GLY A 282 -3.92 8.88 -2.12
CA GLY A 282 -2.50 9.02 -1.82
C GLY A 282 -1.69 9.81 -2.82
N ALA A 283 -1.49 9.25 -4.01
CA ALA A 283 -0.83 9.98 -5.09
C ALA A 283 -1.17 9.30 -6.41
N MET A 284 -0.92 10.03 -7.50
CA MET A 284 -1.31 9.57 -8.83
C MET A 284 -0.25 9.95 -9.85
N GLU A 285 0.01 9.04 -10.79
CA GLU A 285 1.13 9.12 -11.71
C GLU A 285 0.78 9.74 -13.06
N ASN A 286 -0.07 10.78 -13.10
CA ASN A 286 -0.46 11.36 -14.37
C ASN A 286 0.78 11.82 -15.13
N LYS A 287 0.84 11.49 -16.42
CA LYS A 287 2.05 11.69 -17.22
C LYS A 287 2.52 13.13 -17.14
N GLY A 288 3.73 13.31 -16.60
CA GLY A 288 4.33 14.62 -16.50
C GLY A 288 3.66 15.58 -15.55
N LEU A 289 2.57 15.18 -14.88
CA LEU A 289 1.85 16.06 -13.98
C LEU A 289 1.26 15.22 -12.85
N ASN A 290 2.13 14.75 -11.95
CA ASN A 290 1.65 13.99 -10.80
C ASN A 290 0.87 14.91 -9.86
N ILE A 291 -0.16 14.35 -9.23
CA ILE A 291 -0.91 15.02 -8.17
C ILE A 291 -0.76 14.20 -6.90
N PHE A 292 -0.36 14.85 -5.83
CA PHE A 292 -0.01 14.21 -4.57
C PHE A 292 -0.89 14.73 -3.44
N ASN A 293 -1.29 13.84 -2.54
CA ASN A 293 -1.78 14.27 -1.24
C ASN A 293 -0.66 15.00 -0.53
N SER A 294 -0.99 16.14 0.08
CA SER A 294 0.02 16.95 0.76
CA SER A 294 0.03 16.95 0.76
C SER A 294 0.80 16.15 1.80
N LYS A 295 0.21 15.07 2.32
CA LYS A 295 0.91 14.25 3.31
CA LYS A 295 0.92 14.27 3.31
C LYS A 295 2.20 13.67 2.77
N TYR A 296 2.31 13.50 1.44
CA TYR A 296 3.48 12.89 0.83
C TYR A 296 4.34 13.89 0.07
N VAL A 297 4.33 15.16 0.51
CA VAL A 297 5.18 16.18 -0.09
C VAL A 297 5.82 17.06 0.97
N LEU A 298 4.99 17.61 1.88
CA LEU A 298 5.45 18.62 2.81
C LEU A 298 6.14 17.99 4.02
N ALA A 299 7.28 18.56 4.41
CA ALA A 299 8.00 18.06 5.57
C ALA A 299 8.92 19.14 6.13
N ARG A 300 8.89 19.29 7.46
CA ARG A 300 9.85 20.09 8.20
CA ARG A 300 9.86 20.07 8.20
C ARG A 300 10.18 19.35 9.49
N THR A 301 11.43 19.47 9.93
CA THR A 301 11.91 18.66 11.05
C THR A 301 11.04 18.83 12.31
N ASP A 302 10.40 19.99 12.48
CA ASP A 302 9.57 20.21 13.64
C ASP A 302 8.15 19.70 13.48
N THR A 303 7.72 19.38 12.26
CA THR A 303 6.36 18.93 11.99
C THR A 303 6.29 17.52 11.42
N ALA A 304 7.39 16.95 10.96
CA ALA A 304 7.39 15.65 10.31
C ALA A 304 8.37 14.72 11.01
N THR A 305 8.04 13.43 11.01
CA THR A 305 8.84 12.40 11.65
C THR A 305 9.75 11.71 10.64
N ASP A 306 10.68 10.91 11.16
CA ASP A 306 11.50 10.08 10.29
C ASP A 306 10.64 9.24 9.35
N LYS A 307 9.55 8.67 9.87
CA LYS A 307 8.68 7.86 9.02
CA LYS A 307 8.67 7.86 9.03
CA LYS A 307 8.66 7.86 9.04
C LYS A 307 8.08 8.70 7.90
N ASP A 308 7.70 9.94 8.18
CA ASP A 308 7.17 10.81 7.14
C ASP A 308 8.20 11.05 6.04
N TYR A 309 9.43 11.37 6.43
CA TYR A 309 10.48 11.60 5.44
C TYR A 309 10.67 10.37 4.56
N LEU A 310 10.74 9.18 5.16
CA LEU A 310 10.96 7.98 4.36
C LEU A 310 9.71 7.60 3.56
N ASP A 311 8.52 7.98 4.04
CA ASP A 311 7.32 7.74 3.26
C ASP A 311 7.25 8.67 2.05
N ILE A 312 7.63 9.94 2.23
CA ILE A 312 7.70 10.86 1.11
C ILE A 312 8.67 10.32 0.05
N GLU A 313 9.79 9.75 0.50
CA GLU A 313 10.75 9.18 -0.45
C GLU A 313 10.13 8.04 -1.24
N ARG A 314 9.47 7.11 -0.55
CA ARG A 314 8.94 5.95 -1.24
CA ARG A 314 8.89 5.94 -1.21
C ARG A 314 7.79 6.33 -2.19
N VAL A 315 6.93 7.27 -1.78
CA VAL A 315 5.80 7.64 -2.62
C VAL A 315 6.27 8.43 -3.84
N ILE A 316 7.17 9.40 -3.63
CA ILE A 316 7.77 10.12 -4.76
C ILE A 316 8.39 9.13 -5.73
N GLY A 317 9.13 8.15 -5.22
CA GLY A 317 9.74 7.16 -6.08
C GLY A 317 8.70 6.33 -6.80
N HIS A 318 7.71 5.82 -6.05
CA HIS A 318 6.66 4.99 -6.64
C HIS A 318 6.05 5.68 -7.85
N GLU A 319 5.65 6.94 -7.70
CA GLU A 319 4.99 7.64 -8.79
C GLU A 319 5.94 7.86 -9.97
N TYR A 320 7.21 8.16 -9.68
CA TYR A 320 8.16 8.36 -10.77
C TYR A 320 8.40 7.05 -11.53
N PHE A 321 8.51 5.93 -10.80
CA PHE A 321 8.76 4.65 -11.44
C PHE A 321 7.59 4.20 -12.32
N HIS A 322 6.38 4.72 -12.05
CA HIS A 322 5.24 4.41 -12.91
C HIS A 322 5.42 4.96 -14.33
N ASN A 323 6.32 5.92 -14.52
CA ASN A 323 6.49 6.52 -15.85
C ASN A 323 6.84 5.47 -16.89
N TRP A 324 7.52 4.40 -16.48
CA TRP A 324 7.80 3.27 -17.36
C TRP A 324 6.89 2.07 -17.07
N THR A 325 6.81 1.64 -15.81
CA THR A 325 5.95 0.52 -15.44
C THR A 325 4.57 1.06 -15.09
N GLY A 326 3.82 1.39 -16.14
CA GLY A 326 2.49 1.95 -15.97
C GLY A 326 2.09 2.86 -17.11
N ASN A 327 2.98 3.75 -17.55
CA ASN A 327 2.65 4.77 -18.53
C ASN A 327 3.16 4.43 -19.93
N ARG A 328 4.47 4.28 -20.10
CA ARG A 328 5.01 3.82 -21.38
C ARG A 328 4.48 2.43 -21.71
N VAL A 329 4.26 1.60 -20.70
CA VAL A 329 3.53 0.33 -20.85
C VAL A 329 2.40 0.34 -19.82
N THR A 330 1.16 0.31 -20.30
CA THR A 330 -0.02 0.39 -19.45
C THR A 330 -0.76 -0.95 -19.45
N CYS A 331 -2.00 -0.94 -18.94
CA CYS A 331 -2.78 -2.16 -18.72
C CYS A 331 -3.83 -2.32 -19.80
N ARG A 332 -3.92 -3.54 -20.36
CA ARG A 332 -4.94 -3.82 -21.37
C ARG A 332 -6.34 -3.67 -20.78
N ASP A 333 -6.51 -4.07 -19.52
CA ASP A 333 -7.78 -3.93 -18.83
C ASP A 333 -7.48 -3.85 -17.35
N TRP A 334 -8.50 -3.53 -16.56
CA TRP A 334 -8.28 -3.26 -15.14
C TRP A 334 -8.02 -4.53 -14.34
N PHE A 335 -8.40 -5.70 -14.86
CA PHE A 335 -8.02 -6.94 -14.19
C PHE A 335 -6.50 -7.13 -14.19
N GLN A 336 -5.79 -6.42 -15.07
CA GLN A 336 -4.34 -6.49 -15.14
C GLN A 336 -3.66 -5.47 -14.23
N LEU A 337 -4.38 -4.90 -13.27
CA LEU A 337 -3.84 -3.80 -12.47
C LEU A 337 -2.50 -4.16 -11.85
N SER A 338 -2.35 -5.39 -11.36
CA SER A 338 -1.11 -5.79 -10.71
C SER A 338 0.09 -5.72 -11.65
N LEU A 339 -0.15 -5.81 -12.96
CA LEU A 339 0.94 -5.69 -13.93
C LEU A 339 1.78 -4.45 -13.66
N LYS A 340 1.15 -3.34 -13.31
CA LYS A 340 1.87 -2.12 -13.01
C LYS A 340 2.04 -1.87 -11.52
N GLU A 341 1.08 -2.26 -10.68
CA GLU A 341 1.19 -1.94 -9.26
C GLU A 341 2.13 -2.88 -8.53
N GLY A 342 2.03 -4.20 -8.79
CA GLY A 342 2.97 -5.13 -8.19
C GLY A 342 4.40 -4.81 -8.58
N LEU A 343 4.63 -4.51 -9.86
CA LEU A 343 5.98 -4.25 -10.34
C LEU A 343 6.50 -2.91 -9.86
N THR A 344 5.62 -1.91 -9.73
CA THR A 344 6.06 -0.60 -9.24
C THR A 344 6.29 -0.61 -7.74
N VAL A 345 5.47 -1.36 -6.98
CA VAL A 345 5.73 -1.52 -5.55
C VAL A 345 7.09 -2.18 -5.35
N PHE A 346 7.35 -3.27 -6.08
CA PHE A 346 8.66 -3.92 -6.02
C PHE A 346 9.77 -2.91 -6.30
N ARG A 347 9.55 -2.01 -7.26
CA ARG A 347 10.58 -1.03 -7.59
C ARG A 347 10.78 -0.01 -6.48
N ASP A 348 9.70 0.44 -5.83
CA ASP A 348 9.89 1.38 -4.73
C ASP A 348 10.47 0.70 -3.50
N GLN A 349 10.25 -0.61 -3.34
CA GLN A 349 10.88 -1.34 -2.24
C GLN A 349 12.38 -1.45 -2.46
N GLU A 350 12.80 -1.77 -3.69
CA GLU A 350 14.21 -1.84 -4.00
C GLU A 350 14.87 -0.47 -3.91
N PHE A 351 14.15 0.56 -4.33
CA PHE A 351 14.66 1.93 -4.21
C PHE A 351 14.96 2.26 -2.74
N SER A 352 13.97 2.07 -1.86
CA SER A 352 14.16 2.39 -0.46
C SER A 352 15.22 1.50 0.18
N SER A 353 15.30 0.24 -0.24
CA SER A 353 16.25 -0.69 0.36
C SER A 353 17.68 -0.37 -0.05
N ASP A 354 17.89 -0.04 -1.33
CA ASP A 354 19.23 0.31 -1.79
C ASP A 354 19.72 1.58 -1.11
N LEU A 355 18.86 2.60 -1.00
CA LEU A 355 19.28 3.87 -0.43
C LEU A 355 19.32 3.85 1.10
N GLY A 356 18.46 3.06 1.73
CA GLY A 356 18.40 2.99 3.17
C GLY A 356 18.80 1.64 3.73
N SER A 357 18.06 1.17 4.73
CA SER A 357 18.35 -0.11 5.39
C SER A 357 17.52 -1.19 4.72
N ARG A 358 18.19 -2.12 4.03
CA ARG A 358 17.45 -3.20 3.37
C ARG A 358 16.75 -4.09 4.39
N ALA A 359 17.41 -4.37 5.52
CA ALA A 359 16.82 -5.24 6.52
C ALA A 359 15.53 -4.65 7.08
N VAL A 360 15.56 -3.36 7.42
CA VAL A 360 14.37 -2.74 8.01
C VAL A 360 13.25 -2.66 6.99
N ASN A 361 13.56 -2.36 5.74
CA ASN A 361 12.52 -2.31 4.71
C ASN A 361 11.88 -3.67 4.53
N ARG A 362 12.68 -4.74 4.47
CA ARG A 362 12.13 -6.08 4.30
C ARG A 362 11.29 -6.48 5.49
N ILE A 363 11.76 -6.17 6.71
N ILE A 363 11.75 -6.15 6.71
CA ILE A 363 11.04 -6.58 7.91
CA ILE A 363 10.97 -6.44 7.91
C ILE A 363 9.66 -5.93 7.94
C ILE A 363 9.59 -5.81 7.81
N ASN A 364 9.59 -4.64 7.64
N ASN A 364 9.54 -4.48 7.77
CA ASN A 364 8.31 -3.95 7.67
CA ASN A 364 8.26 -3.77 7.79
C ASN A 364 7.41 -4.38 6.53
C ASN A 364 7.33 -4.29 6.71
N ASN A 365 7.99 -4.70 5.37
N ASN A 365 7.87 -4.64 5.54
CA ASN A 365 7.19 -5.24 4.27
CA ASN A 365 7.02 -5.15 4.46
C ASN A 365 6.64 -6.61 4.63
C ASN A 365 6.54 -6.57 4.76
N VAL A 366 7.34 -7.37 5.46
CA VAL A 366 6.88 -8.69 5.86
C VAL A 366 5.81 -8.57 6.95
N ARG A 367 5.97 -7.61 7.86
CA ARG A 367 4.94 -7.36 8.86
CA ARG A 367 4.92 -7.38 8.85
C ARG A 367 3.61 -7.05 8.18
N THR A 368 3.65 -6.28 7.09
CA THR A 368 2.43 -5.94 6.36
C THR A 368 1.81 -7.18 5.70
N MET A 369 2.65 -8.04 5.11
CA MET A 369 2.14 -9.24 4.48
C MET A 369 1.51 -10.19 5.50
N ARG A 370 2.27 -10.55 6.54
N ARG A 370 2.31 -10.62 6.48
CA ARG A 370 1.74 -11.43 7.57
CA ARG A 370 1.83 -11.61 7.45
C ARG A 370 0.58 -10.78 8.32
C ARG A 370 0.77 -11.06 8.38
N GLY A 371 0.71 -9.50 8.63
N GLY A 371 0.44 -9.78 8.29
CA GLY A 371 -0.22 -8.85 9.55
CA GLY A 371 -0.62 -9.20 9.10
C GLY A 371 -1.49 -8.30 8.94
C GLY A 371 -1.96 -9.23 8.41
N LEU A 372 -1.48 -7.99 7.64
N LEU A 372 -2.44 -8.08 7.95
CA LEU A 372 -2.63 -7.36 7.01
CA LEU A 372 -3.79 -7.98 7.38
C LEU A 372 -3.09 -8.07 5.73
C LEU A 372 -3.82 -8.19 5.88
N GLN A 373 -2.16 -8.52 4.89
N GLN A 373 -2.70 -8.56 5.25
CA GLN A 373 -2.56 -9.15 3.63
CA GLN A 373 -2.75 -9.06 3.89
C GLN A 373 -3.08 -10.57 3.85
C GLN A 373 -3.12 -10.55 3.90
N PHE A 374 -2.46 -11.33 4.76
CA PHE A 374 -2.94 -12.68 5.03
C PHE A 374 -4.40 -12.67 5.45
N ALA A 375 -4.78 -11.66 6.26
CA ALA A 375 -6.16 -11.58 6.72
C ALA A 375 -7.10 -11.29 5.56
N GLU A 376 -6.72 -10.39 4.66
CA GLU A 376 -7.52 -10.15 3.47
C GLU A 376 -7.69 -11.42 2.65
N ASP A 377 -6.60 -12.18 2.47
N ASP A 377 -6.60 -12.20 2.49
CA ASP A 377 -6.61 -13.32 1.55
CA ASP A 377 -6.72 -13.50 1.83
C ASP A 377 -7.45 -14.48 2.05
C ASP A 377 -7.54 -14.50 2.63
N ALA A 378 -7.96 -14.42 3.29
N ALA A 378 -7.83 -14.21 3.89
CA ALA A 378 -8.90 -15.41 3.80
CA ALA A 378 -8.66 -15.07 4.72
C ALA A 378 -10.27 -14.80 4.11
C ALA A 378 -10.02 -14.43 4.99
N SER A 379 -10.43 -13.50 3.92
N SER A 379 -10.50 -13.60 4.07
CA SER A 379 -11.69 -12.82 4.19
CA SER A 379 -11.73 -12.84 4.23
C SER A 379 -12.65 -13.04 3.03
C SER A 379 -12.66 -13.08 3.06
N PRO A 380 -13.91 -12.60 3.15
CA PRO A 380 -14.83 -12.72 2.02
C PRO A 380 -14.42 -11.94 0.78
N MET A 381 -13.49 -10.99 0.91
CA MET A 381 -13.02 -10.20 -0.22
CA MET A 381 -13.00 -10.19 -0.20
C MET A 381 -11.78 -10.80 -0.87
N ALA A 382 -11.37 -12.01 -0.46
CA ALA A 382 -10.17 -12.61 -1.01
C ALA A 382 -10.24 -12.70 -2.53
N HIS A 383 -9.11 -12.48 -3.19
CA HIS A 383 -9.03 -12.52 -4.64
C HIS A 383 -7.58 -12.78 -5.04
N PRO A 384 -7.34 -13.34 -6.22
CA PRO A 384 -5.97 -13.44 -6.74
C PRO A 384 -5.44 -12.06 -7.11
N ILE A 385 -4.11 -11.96 -7.22
CA ILE A 385 -3.50 -10.70 -7.61
C ILE A 385 -4.03 -10.23 -8.95
N ARG A 386 -4.45 -11.16 -9.82
CA ARG A 386 -5.14 -10.84 -11.07
C ARG A 386 -6.59 -11.27 -10.90
N PRO A 387 -7.48 -10.37 -10.46
CA PRO A 387 -8.86 -10.79 -10.18
C PRO A 387 -9.57 -11.35 -11.40
N ASP A 388 -10.60 -12.14 -11.13
CA ASP A 388 -11.46 -12.68 -12.18
C ASP A 388 -12.83 -12.04 -12.24
N MET A 389 -13.26 -11.36 -11.17
CA MET A 389 -14.59 -10.79 -11.10
C MET A 389 -14.54 -9.50 -10.29
N VAL A 390 -15.16 -8.44 -10.82
CA VAL A 390 -15.14 -7.13 -10.18
C VAL A 390 -16.47 -6.45 -10.42
N ILE A 391 -17.01 -5.82 -9.38
CA ILE A 391 -18.19 -4.97 -9.49
C ILE A 391 -17.80 -3.49 -9.51
N GLU A 392 -17.00 -3.05 -8.54
CA GLU A 392 -16.49 -1.69 -8.48
C GLU A 392 -14.97 -1.78 -8.46
N MET A 393 -14.33 -1.30 -9.52
CA MET A 393 -12.89 -1.48 -9.65
C MET A 393 -12.11 -0.78 -8.55
N ASN A 394 -12.67 0.28 -7.96
N ASN A 394 -12.68 0.28 -7.97
CA ASN A 394 -11.97 0.99 -6.90
CA ASN A 394 -11.97 1.00 -6.90
C ASN A 394 -11.88 0.19 -5.62
C ASN A 394 -11.82 0.15 -5.64
N ASN A 395 -12.60 -0.92 -5.50
CA ASN A 395 -12.47 -1.81 -4.36
C ASN A 395 -11.28 -2.75 -4.47
N PHE A 396 -10.54 -2.72 -5.58
CA PHE A 396 -9.46 -3.68 -5.82
C PHE A 396 -8.09 -3.02 -5.89
N TYR A 397 -7.92 -1.85 -5.28
CA TYR A 397 -6.59 -1.28 -5.02
C TYR A 397 -6.15 -1.70 -3.63
N THR A 398 -5.76 -2.98 -3.53
CA THR A 398 -5.75 -3.71 -2.28
C THR A 398 -4.33 -4.14 -1.89
N LEU A 399 -4.22 -4.58 -0.63
CA LEU A 399 -2.98 -5.18 -0.15
C LEU A 399 -2.56 -6.36 -1.01
N THR A 400 -3.55 -7.10 -1.56
CA THR A 400 -3.23 -8.26 -2.38
C THR A 400 -2.64 -7.84 -3.72
N VAL A 401 -3.29 -6.90 -4.41
CA VAL A 401 -2.81 -6.49 -5.72
C VAL A 401 -1.48 -5.75 -5.61
N TYR A 402 -1.29 -4.98 -4.54
CA TYR A 402 -0.07 -4.20 -4.35
C TYR A 402 1.02 -5.02 -3.64
N GLU A 403 0.76 -5.44 -2.41
CA GLU A 403 1.81 -6.04 -1.58
C GLU A 403 2.11 -7.48 -2.00
N LYS A 404 1.07 -8.32 -2.12
CA LYS A 404 1.31 -9.66 -2.62
C LYS A 404 1.77 -9.65 -4.07
N GLY A 405 1.26 -8.70 -4.85
CA GLY A 405 1.75 -8.54 -6.21
C GLY A 405 3.25 -8.37 -6.26
N ALA A 406 3.79 -7.55 -5.35
CA ALA A 406 5.23 -7.31 -5.32
C ALA A 406 5.99 -8.56 -4.86
N GLU A 407 5.42 -9.32 -3.92
CA GLU A 407 6.05 -10.57 -3.50
C GLU A 407 6.14 -11.55 -4.67
N VAL A 408 5.16 -11.55 -5.56
CA VAL A 408 5.22 -12.41 -6.74
C VAL A 408 6.33 -11.95 -7.67
N ILE A 409 6.46 -10.64 -7.89
CA ILE A 409 7.57 -10.13 -8.68
C ILE A 409 8.89 -10.51 -8.04
N ARG A 410 8.99 -10.38 -6.71
CA ARG A 410 10.23 -10.71 -6.02
C ARG A 410 10.57 -12.18 -6.15
N MET A 411 9.56 -13.06 -6.19
CA MET A 411 9.83 -14.48 -6.40
C MET A 411 10.44 -14.73 -7.79
N ILE A 412 9.98 -13.98 -8.80
CA ILE A 412 10.62 -14.08 -10.12
C ILE A 412 12.07 -13.64 -10.02
N HIS A 413 12.32 -12.53 -9.33
CA HIS A 413 13.69 -12.07 -9.12
C HIS A 413 14.53 -13.13 -8.41
N THR A 414 13.92 -13.85 -7.47
CA THR A 414 14.64 -14.89 -6.75
C THR A 414 14.99 -16.07 -7.66
N LEU A 415 14.06 -16.46 -8.53
CA LEU A 415 14.29 -17.59 -9.41
C LEU A 415 15.23 -17.28 -10.56
N LEU A 416 15.25 -16.03 -11.03
CA LEU A 416 16.06 -15.64 -12.18
C LEU A 416 17.40 -15.02 -11.79
N GLY A 417 17.45 -14.26 -10.70
CA GLY A 417 18.62 -13.46 -10.40
C GLY A 417 18.55 -12.09 -11.05
N GLU A 418 19.29 -11.15 -10.46
CA GLU A 418 19.26 -9.76 -10.93
C GLU A 418 19.58 -9.66 -12.41
N GLU A 419 20.58 -10.41 -12.87
CA GLU A 419 21.02 -10.27 -14.26
CA GLU A 419 21.04 -10.30 -14.26
C GLU A 419 19.92 -10.68 -15.24
N ASN A 420 19.44 -11.92 -15.11
N ASN A 420 19.40 -11.91 -15.11
CA ASN A 420 18.34 -12.38 -15.96
CA ASN A 420 18.34 -12.35 -16.01
C ASN A 420 17.11 -11.49 -15.79
C ASN A 420 17.02 -11.65 -15.74
N PHE A 421 16.85 -11.04 -14.56
CA PHE A 421 15.66 -10.25 -14.30
C PHE A 421 15.68 -8.97 -15.13
N GLN A 422 16.82 -8.29 -15.17
CA GLN A 422 16.93 -7.07 -15.97
C GLN A 422 16.81 -7.37 -17.46
N LYS A 423 17.31 -8.53 -17.91
CA LYS A 423 17.14 -8.92 -19.31
CA LYS A 423 17.14 -8.88 -19.31
C LYS A 423 15.66 -9.07 -19.65
N GLY A 424 14.87 -9.60 -18.71
CA GLY A 424 13.44 -9.72 -18.94
C GLY A 424 12.76 -8.37 -18.97
N MET A 425 13.17 -7.45 -18.09
CA MET A 425 12.63 -6.09 -18.12
C MET A 425 12.85 -5.47 -19.50
N GLN A 426 14.07 -5.57 -20.03
CA GLN A 426 14.39 -4.94 -21.32
CA GLN A 426 14.34 -4.90 -21.30
C GLN A 426 13.62 -5.58 -22.45
N LEU A 427 13.35 -6.88 -22.37
CA LEU A 427 12.54 -7.51 -23.40
C LEU A 427 11.08 -7.13 -23.26
N TYR A 428 10.62 -6.98 -22.02
CA TYR A 428 9.27 -6.49 -21.77
C TYR A 428 9.05 -5.12 -22.41
N PHE A 429 10.01 -4.21 -22.22
CA PHE A 429 9.88 -2.88 -22.81
C PHE A 429 10.05 -2.91 -24.32
N GLU A 430 10.96 -3.75 -24.83
CA GLU A 430 11.13 -3.85 -26.28
C GLU A 430 9.84 -4.29 -26.95
N ARG A 431 9.15 -5.26 -26.34
CA ARG A 431 7.97 -5.84 -26.97
C ARG A 431 6.73 -4.96 -26.82
N HIS A 432 6.61 -4.23 -25.71
CA HIS A 432 5.34 -3.63 -25.34
C HIS A 432 5.38 -2.13 -25.12
N ASP A 433 6.54 -1.49 -25.27
CA ASP A 433 6.61 -0.03 -25.15
C ASP A 433 5.59 0.61 -26.09
N GLY A 434 4.70 1.43 -25.52
CA GLY A 434 3.70 2.12 -26.31
C GLY A 434 2.42 1.36 -26.51
N SER A 435 2.13 0.36 -25.68
N SER A 435 2.14 0.35 -25.69
CA SER A 435 0.92 -0.45 -25.81
CA SER A 435 0.95 -0.47 -25.87
C SER A 435 0.34 -0.70 -24.42
C SER A 435 0.46 -0.92 -24.50
N ALA A 436 -0.75 -1.48 -24.38
N ALA A 436 -0.81 -1.31 -24.46
CA ALA A 436 -1.41 -1.88 -23.15
CA ALA A 436 -1.37 -1.92 -23.26
C ALA A 436 -1.34 -3.40 -23.06
C ALA A 436 -1.02 -3.40 -23.25
N ALA A 437 -0.55 -3.89 -22.10
N ALA A 437 -0.67 -3.90 -22.08
CA ALA A 437 -0.22 -5.31 -22.01
CA ALA A 437 -0.17 -5.26 -21.93
C ALA A 437 -0.96 -5.97 -20.86
C ALA A 437 -0.93 -5.97 -20.81
N THR A 438 -0.67 -7.27 -20.69
CA THR A 438 -1.30 -8.11 -19.67
C THR A 438 -0.22 -8.69 -18.76
N CYS A 439 -0.68 -9.23 -17.63
CA CYS A 439 0.23 -9.94 -16.72
C CYS A 439 0.95 -11.07 -17.43
N ASP A 440 0.24 -11.85 -18.25
CA ASP A 440 0.88 -12.96 -18.96
CA ASP A 440 0.88 -12.96 -18.96
C ASP A 440 2.01 -12.47 -19.85
N ASP A 441 1.83 -11.31 -20.50
CA ASP A 441 2.90 -10.77 -21.32
C ASP A 441 4.18 -10.57 -20.52
N PHE A 442 4.04 -10.08 -19.29
CA PHE A 442 5.21 -9.83 -18.46
C PHE A 442 5.94 -11.12 -18.12
N VAL A 443 5.20 -12.14 -17.69
CA VAL A 443 5.81 -13.41 -17.33
C VAL A 443 6.51 -14.03 -18.55
N GLN A 444 5.86 -13.98 -19.71
CA GLN A 444 6.46 -14.53 -20.92
CA GLN A 444 6.46 -14.54 -20.92
C GLN A 444 7.78 -13.84 -21.25
N ALA A 445 7.84 -12.52 -21.05
CA ALA A 445 9.08 -11.80 -21.32
C ALA A 445 10.20 -12.26 -20.39
N MET A 446 9.89 -12.43 -19.11
CA MET A 446 10.88 -12.95 -18.17
C MET A 446 11.27 -14.37 -18.53
N GLU A 447 10.30 -15.18 -18.96
CA GLU A 447 10.58 -16.57 -19.31
CA GLU A 447 10.59 -16.57 -19.31
C GLU A 447 11.48 -16.64 -20.55
N ASP A 448 11.16 -15.90 -21.59
CA ASP A 448 11.92 -15.98 -22.84
C ASP A 448 13.32 -15.40 -22.68
N ALA A 449 13.47 -14.35 -21.87
CA ALA A 449 14.78 -13.70 -21.74
C ALA A 449 15.74 -14.53 -20.90
N SER A 450 15.23 -15.24 -19.89
CA SER A 450 16.08 -15.95 -18.95
C SER A 450 16.21 -17.44 -19.25
N ASN A 451 15.29 -18.01 -20.03
N ASN A 451 15.29 -18.01 -20.02
CA ASN A 451 15.25 -19.44 -20.28
CA ASN A 451 15.23 -19.44 -20.30
C ASN A 451 14.92 -20.24 -19.02
C ASN A 451 14.81 -20.26 -19.08
N VAL A 452 14.21 -19.62 -18.08
CA VAL A 452 13.70 -20.29 -16.90
C VAL A 452 12.21 -20.56 -17.11
N ASP A 453 11.79 -21.81 -16.90
CA ASP A 453 10.39 -22.18 -17.14
C ASP A 453 9.50 -21.63 -16.04
N LEU A 454 8.54 -20.78 -16.40
CA LEU A 454 7.62 -20.18 -15.46
C LEU A 454 6.17 -20.61 -15.69
N SER A 455 5.95 -21.73 -16.40
CA SER A 455 4.59 -22.18 -16.69
CA SER A 455 4.59 -22.18 -16.69
C SER A 455 3.84 -22.50 -15.41
N HIS A 456 4.46 -23.26 -14.51
CA HIS A 456 3.82 -23.57 -13.24
C HIS A 456 3.70 -22.32 -12.38
N PHE A 457 4.70 -21.44 -12.42
CA PHE A 457 4.68 -20.23 -11.61
C PHE A 457 3.49 -19.34 -11.92
N ARG A 458 2.91 -19.45 -13.11
CA ARG A 458 1.80 -18.56 -13.48
CA ARG A 458 1.79 -18.58 -13.49
C ARG A 458 0.61 -18.74 -12.54
N ARG A 459 0.46 -19.91 -11.91
CA ARG A 459 -0.66 -20.15 -11.01
CA ARG A 459 -0.68 -20.13 -11.03
C ARG A 459 -0.72 -19.13 -9.87
N TRP A 460 0.41 -18.48 -9.54
CA TRP A 460 0.37 -17.45 -8.51
C TRP A 460 -0.57 -16.32 -8.90
N TYR A 461 -0.78 -16.10 -10.20
CA TYR A 461 -1.63 -15.01 -10.67
C TYR A 461 -3.11 -15.35 -10.61
N SER A 462 -3.47 -16.64 -10.62
CA SER A 462 -4.87 -17.05 -10.73
C SER A 462 -5.44 -17.67 -9.48
N GLN A 463 -4.62 -17.98 -8.47
CA GLN A 463 -5.09 -18.65 -7.27
C GLN A 463 -4.96 -17.72 -6.07
N SER A 464 -6.03 -17.66 -5.27
CA SER A 464 -6.07 -16.81 -4.08
C SER A 464 -5.74 -17.64 -2.84
N GLY A 465 -5.67 -16.95 -1.69
CA GLY A 465 -5.37 -17.59 -0.43
C GLY A 465 -3.89 -17.73 -0.17
N THR A 466 -3.57 -18.04 1.10
CA THR A 466 -2.18 -18.12 1.56
C THR A 466 -1.76 -19.57 1.63
N PRO A 467 -0.72 -20.00 0.91
CA PRO A 467 -0.27 -21.39 1.06
C PRO A 467 0.34 -21.64 2.43
N ILE A 468 0.23 -22.88 2.89
CA ILE A 468 0.79 -23.32 4.17
C ILE A 468 1.84 -24.37 3.87
N VAL A 469 3.08 -24.10 4.30
CA VAL A 469 4.21 -24.98 4.04
C VAL A 469 4.63 -25.63 5.36
N THR A 470 4.53 -26.96 5.41
CA THR A 470 4.89 -27.74 6.58
C THR A 470 6.23 -28.43 6.33
N VAL A 471 7.09 -28.44 7.35
CA VAL A 471 8.46 -28.92 7.20
C VAL A 471 8.83 -29.81 8.37
N LYS A 472 9.39 -30.98 8.07
CA LYS A 472 9.96 -31.87 9.06
CA LYS A 472 9.97 -31.86 9.07
C LYS A 472 11.35 -32.29 8.59
N ASP A 473 12.29 -32.40 9.52
CA ASP A 473 13.67 -32.74 9.20
C ASP A 473 14.10 -34.02 9.90
N ASP A 474 15.24 -34.55 9.46
CA ASP A 474 15.79 -35.78 10.02
C ASP A 474 17.28 -35.82 9.71
N TYR A 475 18.10 -36.00 10.75
CA TYR A 475 19.54 -36.10 10.60
C TYR A 475 19.98 -37.53 10.85
N ASN A 476 20.74 -38.09 9.91
CA ASN A 476 21.21 -39.46 10.00
C ASN A 476 22.71 -39.43 10.29
N PRO A 477 23.15 -39.74 11.52
CA PRO A 477 24.59 -39.67 11.81
C PRO A 477 25.41 -40.71 11.06
N GLU A 478 24.85 -41.89 10.81
CA GLU A 478 25.60 -42.94 10.10
C GLU A 478 25.98 -42.48 8.71
N THR A 479 25.02 -41.98 7.93
CA THR A 479 25.29 -41.56 6.56
C THR A 479 25.63 -40.09 6.44
N GLU A 480 25.49 -39.32 7.52
CA GLU A 480 25.77 -37.88 7.51
C GLU A 480 24.92 -37.18 6.45
N GLN A 481 23.64 -37.48 6.45
CA GLN A 481 22.68 -36.90 5.52
C GLN A 481 21.58 -36.18 6.27
N TYR A 482 21.15 -35.03 5.75
CA TYR A 482 20.08 -34.23 6.31
C TYR A 482 18.93 -34.21 5.30
N THR A 483 17.74 -34.59 5.77
CA THR A 483 16.58 -34.76 4.90
C THR A 483 15.47 -33.83 5.36
N LEU A 484 14.98 -33.00 4.44
CA LEU A 484 13.82 -32.15 4.67
C LEU A 484 12.63 -32.73 3.91
N THR A 485 11.53 -32.94 4.63
CA THR A 485 10.26 -33.37 4.04
C THR A 485 9.32 -32.18 4.09
N ILE A 486 8.98 -31.63 2.92
CA ILE A 486 8.23 -30.39 2.81
C ILE A 486 6.90 -30.66 2.11
N SER A 487 5.82 -30.18 2.70
CA SER A 487 4.49 -30.30 2.15
CA SER A 487 4.49 -30.29 2.13
C SER A 487 3.86 -28.92 2.03
N GLN A 488 2.87 -28.81 1.14
CA GLN A 488 2.17 -27.55 0.93
C GLN A 488 0.69 -27.80 0.72
N ARG A 489 -0.11 -26.80 1.09
CA ARG A 489 -1.55 -26.83 0.84
CA ARG A 489 -1.54 -26.82 0.80
C ARG A 489 -2.07 -25.40 0.99
N THR A 490 -3.13 -25.09 0.24
CA THR A 490 -3.78 -23.80 0.35
C THR A 490 -5.24 -24.05 0.73
N PRO A 491 -5.71 -23.56 1.89
CA PRO A 491 -7.11 -23.79 2.23
C PRO A 491 -8.03 -23.12 1.23
N ALA A 492 -9.23 -23.67 1.08
CA ALA A 492 -10.22 -23.08 0.20
C ALA A 492 -10.57 -21.68 0.69
N THR A 493 -10.96 -20.83 -0.25
CA THR A 493 -11.36 -19.46 0.03
C THR A 493 -12.79 -19.24 -0.44
N PRO A 494 -13.47 -18.22 0.06
CA PRO A 494 -14.87 -18.01 -0.33
C PRO A 494 -15.06 -17.83 -1.83
N ASP A 495 -14.02 -17.43 -2.56
CA ASP A 495 -14.12 -17.18 -3.99
C ASP A 495 -13.64 -18.34 -4.85
N GLN A 496 -12.99 -19.34 -4.26
CA GLN A 496 -12.42 -20.45 -5.03
C GLN A 496 -12.52 -21.73 -4.22
N ALA A 497 -13.16 -22.75 -4.78
CA ALA A 497 -13.24 -24.05 -4.15
C ALA A 497 -12.14 -25.01 -4.62
N GLU A 498 -11.44 -24.67 -5.70
CA GLU A 498 -10.37 -25.50 -6.25
CA GLU A 498 -10.37 -25.50 -6.25
C GLU A 498 -9.03 -24.84 -5.94
N LYS A 499 -8.11 -25.62 -5.38
CA LYS A 499 -6.75 -25.16 -5.09
C LYS A 499 -5.76 -26.22 -5.55
N GLN A 500 -4.62 -25.78 -6.04
CA GLN A 500 -3.58 -26.67 -6.54
CA GLN A 500 -3.58 -26.66 -6.58
C GLN A 500 -2.24 -26.22 -6.02
N PRO A 501 -1.24 -27.11 -6.02
CA PRO A 501 0.09 -26.71 -5.54
C PRO A 501 0.73 -25.66 -6.43
N LEU A 502 1.58 -24.84 -5.82
CA LEU A 502 2.26 -23.76 -6.50
C LEU A 502 3.75 -24.06 -6.62
N HIS A 503 4.44 -23.20 -7.39
CA HIS A 503 5.90 -23.24 -7.48
C HIS A 503 6.44 -22.29 -6.43
N ILE A 504 6.83 -22.83 -5.28
CA ILE A 504 7.25 -22.05 -4.11
C ILE A 504 8.77 -22.05 -4.06
N PRO A 505 9.42 -20.90 -4.23
CA PRO A 505 10.87 -20.82 -3.96
C PRO A 505 11.12 -20.82 -2.45
N PHE A 506 11.83 -21.85 -1.98
CA PHE A 506 12.01 -22.09 -0.55
C PHE A 506 13.51 -22.04 -0.23
N ALA A 507 13.97 -20.92 0.32
CA ALA A 507 15.38 -20.70 0.58
C ALA A 507 15.74 -21.14 2.00
N ILE A 508 16.88 -21.83 2.13
CA ILE A 508 17.31 -22.38 3.41
C ILE A 508 18.79 -22.04 3.66
N GLU A 509 19.20 -22.26 4.90
CA GLU A 509 20.60 -22.19 5.29
CA GLU A 509 20.59 -22.15 5.32
C GLU A 509 20.80 -23.08 6.51
N LEU A 510 21.87 -23.87 6.47
CA LEU A 510 22.17 -24.83 7.54
C LEU A 510 23.39 -24.36 8.32
N TYR A 511 23.29 -24.38 9.65
CA TYR A 511 24.35 -23.91 10.54
C TYR A 511 24.82 -25.03 11.44
N ASP A 512 26.13 -25.05 11.71
N ASP A 512 26.13 -25.07 11.68
CA ASP A 512 26.65 -25.91 12.75
CA ASP A 512 26.72 -26.10 12.52
C ASP A 512 26.46 -25.26 14.11
C ASP A 512 26.80 -25.62 13.97
N ASN A 513 26.80 -26.00 15.17
N ASN A 513 27.47 -26.40 14.83
CA ASN A 513 26.42 -25.61 16.52
CA ASN A 513 27.52 -26.09 16.25
C ASN A 513 27.23 -24.44 17.07
C ASN A 513 28.29 -24.81 16.54
N GLU A 514 27.86 -23.66 16.20
N GLU A 514 29.10 -24.32 15.60
CA GLU A 514 28.46 -22.39 16.63
CA GLU A 514 29.87 -23.10 15.79
C GLU A 514 28.29 -21.27 15.62
C GLU A 514 29.22 -21.88 15.15
N GLY A 515 27.52 -21.48 14.55
N GLY A 515 28.08 -22.06 14.49
CA GLY A 515 27.15 -20.41 13.65
CA GLY A 515 27.45 -20.99 13.74
C GLY A 515 27.84 -20.37 12.30
C GLY A 515 27.95 -20.84 12.32
N LYS A 516 28.42 -21.47 11.84
N LYS A 516 28.72 -21.81 11.82
CA LYS A 516 29.06 -21.53 10.54
CA LYS A 516 29.26 -21.75 10.47
C LYS A 516 28.16 -22.26 9.55
C LYS A 516 28.28 -22.40 9.49
N VAL A 517 28.17 -21.81 8.31
CA VAL A 517 27.28 -22.35 7.29
C VAL A 517 27.82 -23.66 6.75
N ILE A 518 26.93 -24.64 6.63
CA ILE A 518 27.29 -25.95 6.10
C ILE A 518 27.00 -25.94 4.60
N PRO A 519 27.99 -26.18 3.74
CA PRO A 519 27.73 -26.17 2.30
C PRO A 519 26.67 -27.21 1.92
N LEU A 520 25.72 -26.79 1.10
CA LEU A 520 24.68 -27.68 0.61
C LEU A 520 25.18 -28.43 -0.61
N GLN A 521 25.10 -29.75 -0.57
CA GLN A 521 25.58 -30.57 -1.67
C GLN A 521 24.87 -31.91 -1.63
N LYS A 522 24.95 -32.64 -2.75
CA LYS A 522 24.31 -33.94 -2.87
CA LYS A 522 24.27 -33.92 -2.89
C LYS A 522 24.97 -34.70 -3.99
N GLY A 523 25.38 -35.93 -3.70
CA GLY A 523 26.03 -36.77 -4.69
C GLY A 523 27.32 -36.20 -5.24
N GLY A 524 27.97 -35.31 -4.51
CA GLY A 524 29.21 -34.72 -4.96
C GLY A 524 29.08 -33.41 -5.71
N HIS A 525 27.87 -32.86 -5.81
CA HIS A 525 27.65 -31.62 -6.54
C HIS A 525 26.97 -30.60 -5.63
N PRO A 526 27.29 -29.31 -5.79
CA PRO A 526 26.61 -28.29 -4.98
C PRO A 526 25.13 -28.22 -5.32
N VAL A 527 24.33 -27.87 -4.31
CA VAL A 527 22.89 -27.71 -4.44
C VAL A 527 22.53 -26.27 -4.16
N ASN A 528 21.70 -25.69 -5.00
CA ASN A 528 21.30 -24.29 -4.82
C ASN A 528 20.45 -24.15 -3.55
N SER A 529 20.69 -23.07 -2.82
CA SER A 529 20.01 -22.86 -1.55
C SER A 529 18.53 -22.52 -1.71
N VAL A 530 18.08 -22.24 -2.92
CA VAL A 530 16.67 -21.98 -3.20
C VAL A 530 16.05 -23.28 -3.69
N LEU A 531 15.24 -23.91 -2.83
CA LEU A 531 14.60 -25.16 -3.20
C LEU A 531 13.31 -24.90 -3.96
N ASN A 532 13.04 -25.73 -4.97
CA ASN A 532 11.84 -25.62 -5.80
C ASN A 532 10.78 -26.56 -5.24
N VAL A 533 9.94 -26.03 -4.35
CA VAL A 533 8.84 -26.78 -3.75
C VAL A 533 7.66 -26.68 -4.72
N THR A 534 7.43 -27.72 -5.51
CA THR A 534 6.45 -27.68 -6.58
C THR A 534 5.34 -28.72 -6.44
N GLN A 535 5.41 -29.64 -5.50
CA GLN A 535 4.44 -30.70 -5.34
CA GLN A 535 4.42 -30.68 -5.35
C GLN A 535 3.81 -30.64 -3.95
N ALA A 536 2.74 -31.40 -3.78
CA ALA A 536 2.06 -31.45 -2.49
C ALA A 536 3.01 -31.95 -1.40
N GLU A 537 3.88 -32.90 -1.74
CA GLU A 537 4.87 -33.40 -0.80
CA GLU A 537 4.86 -33.44 -0.80
C GLU A 537 6.13 -33.76 -1.58
N GLN A 538 7.29 -33.53 -0.95
CA GLN A 538 8.55 -33.81 -1.59
CA GLN A 538 8.56 -33.74 -1.61
C GLN A 538 9.65 -33.84 -0.54
N THR A 539 10.73 -34.55 -0.87
CA THR A 539 11.86 -34.73 0.04
CA THR A 539 11.86 -34.76 0.03
C THR A 539 13.12 -34.18 -0.60
N PHE A 540 13.96 -33.57 0.23
CA PHE A 540 15.24 -33.01 -0.20
C PHE A 540 16.33 -33.57 0.70
N VAL A 541 17.32 -34.22 0.09
CA VAL A 541 18.40 -34.88 0.81
C VAL A 541 19.71 -34.13 0.55
N PHE A 542 20.48 -33.92 1.61
N PHE A 542 20.50 -33.94 1.60
CA PHE A 542 21.76 -33.24 1.55
CA PHE A 542 21.77 -33.26 1.52
C PHE A 542 22.84 -34.16 2.11
C PHE A 542 22.86 -34.11 2.14
N ASP A 543 24.02 -34.14 1.49
CA ASP A 543 25.14 -34.97 1.89
C ASP A 543 26.21 -34.14 2.60
N ASN A 544 27.18 -34.84 3.18
CA ASN A 544 28.32 -34.21 3.84
C ASN A 544 27.87 -33.20 4.90
N VAL A 545 26.79 -33.54 5.60
CA VAL A 545 26.34 -32.77 6.75
C VAL A 545 27.09 -33.34 7.95
N TYR A 546 28.25 -32.75 8.26
CA TYR A 546 29.16 -33.35 9.23
C TYR A 546 28.58 -33.34 10.65
N PHE A 547 27.73 -32.38 10.98
N PHE A 547 27.69 -32.39 10.95
CA PHE A 547 27.15 -32.31 12.31
CA PHE A 547 27.10 -32.23 12.26
C PHE A 547 25.67 -31.94 12.21
C PHE A 547 25.62 -31.91 12.09
N GLN A 548 24.94 -32.18 13.29
N GLN A 548 24.81 -32.33 13.07
CA GLN A 548 23.51 -31.89 13.32
CA GLN A 548 23.38 -32.06 13.03
C GLN A 548 23.30 -30.39 13.08
C GLN A 548 23.14 -30.56 13.00
N PRO A 549 22.52 -30.00 12.08
N PRO A 549 22.51 -30.01 11.96
CA PRO A 549 22.38 -28.59 11.76
CA PRO A 549 22.46 -28.56 11.80
C PRO A 549 21.21 -27.93 12.49
C PRO A 549 21.23 -27.93 12.46
N VAL A 550 21.26 -26.60 12.53
CA VAL A 550 20.13 -25.77 12.92
C VAL A 550 19.70 -25.02 11.66
N PRO A 551 18.47 -25.23 11.16
CA PRO A 551 18.10 -24.64 9.88
C PRO A 551 17.49 -23.26 10.02
N ALA A 552 17.83 -22.39 9.06
CA ALA A 552 17.06 -21.18 8.78
C ALA A 552 16.18 -21.49 7.58
N LEU A 553 14.88 -21.34 7.75
CA LEU A 553 13.91 -21.72 6.73
C LEU A 553 13.19 -20.49 6.20
N LEU A 554 12.85 -20.54 4.91
CA LEU A 554 12.15 -19.45 4.24
C LEU A 554 12.89 -18.13 4.43
N CYS A 555 14.19 -18.16 4.13
CA CYS A 555 15.05 -17.00 4.35
C CYS A 555 14.59 -15.82 3.53
N GLU A 556 14.67 -14.63 4.13
CA GLU A 556 14.26 -13.37 3.50
CA GLU A 556 14.27 -13.39 3.48
C GLU A 556 12.80 -13.40 3.06
N PHE A 557 11.98 -14.28 3.65
CA PHE A 557 10.58 -14.41 3.27
C PHE A 557 10.48 -14.71 1.78
N SER A 558 11.14 -15.80 1.37
CA SER A 558 11.36 -16.08 -0.04
C SER A 558 10.08 -16.41 -0.80
N ALA A 559 8.99 -16.69 -0.10
CA ALA A 559 7.69 -16.87 -0.73
C ALA A 559 6.62 -16.43 0.27
N PRO A 560 5.50 -15.89 -0.20
CA PRO A 560 4.47 -15.39 0.74
C PRO A 560 3.58 -16.51 1.26
N VAL A 561 4.09 -17.23 2.27
CA VAL A 561 3.45 -18.43 2.78
C VAL A 561 3.54 -18.46 4.30
N LYS A 562 2.73 -19.33 4.90
CA LYS A 562 2.81 -19.62 6.32
C LYS A 562 3.69 -20.85 6.50
N LEU A 563 4.61 -20.77 7.46
CA LEU A 563 5.55 -21.84 7.72
C LEU A 563 5.15 -22.58 8.99
N GLU A 564 5.16 -23.92 8.92
CA GLU A 564 4.85 -24.77 10.06
CA GLU A 564 4.85 -24.76 10.07
C GLU A 564 6.05 -25.67 10.31
N TYR A 565 6.82 -25.37 11.35
CA TYR A 565 7.98 -26.15 11.74
C TYR A 565 8.07 -26.09 13.25
N LYS A 566 8.28 -27.24 13.90
CA LYS A 566 8.30 -27.32 15.36
CA LYS A 566 8.30 -27.32 15.36
C LYS A 566 9.67 -26.90 15.86
N TRP A 567 9.86 -25.59 15.94
CA TRP A 567 11.10 -25.05 16.49
C TRP A 567 11.17 -25.31 17.99
N SER A 568 12.39 -25.49 18.49
CA SER A 568 12.65 -25.38 19.92
C SER A 568 13.06 -23.95 20.24
N ASP A 569 12.83 -23.54 21.48
CA ASP A 569 13.25 -22.20 21.89
C ASP A 569 14.74 -22.00 21.68
N GLN A 570 15.53 -23.07 21.81
CA GLN A 570 16.97 -22.93 21.72
CA GLN A 570 16.98 -22.96 21.72
C GLN A 570 17.44 -22.78 20.27
N GLN A 571 16.76 -23.44 19.33
CA GLN A 571 17.07 -23.21 17.93
C GLN A 571 16.87 -21.75 17.57
N LEU A 572 15.78 -21.14 18.06
CA LEU A 572 15.46 -19.77 17.71
C LEU A 572 16.46 -18.79 18.34
N THR A 573 16.75 -18.96 19.63
CA THR A 573 17.75 -18.09 20.26
C THR A 573 19.11 -18.25 19.61
N PHE A 574 19.43 -19.48 19.17
CA PHE A 574 20.66 -19.70 18.41
C PHE A 574 20.65 -18.87 17.13
N LEU A 575 19.54 -18.90 16.40
CA LEU A 575 19.45 -18.13 15.17
C LEU A 575 19.49 -16.63 15.44
N MET A 576 18.94 -16.19 16.58
CA MET A 576 19.03 -14.79 16.95
C MET A 576 20.46 -14.36 17.19
N ARG A 577 21.35 -15.31 17.50
CA ARG A 577 22.75 -15.03 17.77
C ARG A 577 23.64 -15.20 16.55
N HIS A 578 23.35 -16.18 15.68
CA HIS A 578 24.31 -16.62 14.67
C HIS A 578 23.85 -16.48 13.23
N ALA A 579 22.57 -16.27 12.95
CA ALA A 579 22.11 -16.22 11.57
C ALA A 579 22.84 -15.12 10.80
N ARG A 580 23.19 -15.42 9.55
CA ARG A 580 23.99 -14.49 8.76
CA ARG A 580 23.99 -14.49 8.76
C ARG A 580 23.19 -13.27 8.34
N ASN A 581 21.96 -13.48 7.85
CA ASN A 581 21.13 -12.37 7.39
CA ASN A 581 21.12 -12.39 7.38
C ASN A 581 20.34 -11.77 8.55
N ASP A 582 20.32 -10.45 8.60
CA ASP A 582 19.64 -9.77 9.70
C ASP A 582 18.16 -10.09 9.74
N PHE A 583 17.53 -10.30 8.58
CA PHE A 583 16.11 -10.63 8.58
C PHE A 583 15.85 -11.93 9.34
N SER A 584 16.74 -12.91 9.20
CA SER A 584 16.53 -14.20 9.86
C SER A 584 16.59 -14.07 11.37
N ARG A 585 17.40 -13.14 11.88
CA ARG A 585 17.48 -12.95 13.33
CA ARG A 585 17.48 -12.96 13.34
C ARG A 585 16.20 -12.35 13.88
N TRP A 586 15.60 -11.40 13.14
CA TRP A 586 14.32 -10.85 13.54
C TRP A 586 13.22 -11.89 13.42
N ASP A 587 13.21 -12.64 12.32
CA ASP A 587 12.17 -13.63 12.09
C ASP A 587 12.19 -14.70 13.17
N ALA A 588 13.39 -15.13 13.59
CA ALA A 588 13.49 -16.09 14.67
C ALA A 588 12.90 -15.54 15.98
N ALA A 589 13.05 -14.25 16.21
CA ALA A 589 12.49 -13.64 17.41
C ALA A 589 10.96 -13.62 17.35
N GLN A 590 10.39 -13.47 16.16
CA GLN A 590 8.94 -13.50 16.02
C GLN A 590 8.40 -14.89 16.33
N SER A 591 9.06 -15.93 15.82
CA SER A 591 8.62 -17.29 16.11
C SER A 591 8.70 -17.57 17.61
N LEU A 592 9.75 -17.07 18.27
CA LEU A 592 9.88 -17.26 19.71
C LEU A 592 8.74 -16.58 20.46
N LEU A 593 8.39 -15.35 20.06
CA LEU A 593 7.33 -14.62 20.74
C LEU A 593 5.97 -15.26 20.49
N ALA A 594 5.74 -15.76 19.28
CA ALA A 594 4.43 -16.28 18.91
C ALA A 594 3.98 -17.36 19.88
N THR A 595 4.88 -18.27 20.25
CA THR A 595 4.52 -19.36 21.15
C THR A 595 3.94 -18.83 22.46
N TYR A 596 4.52 -17.76 22.99
CA TYR A 596 4.09 -17.26 24.29
C TYR A 596 3.01 -16.19 24.20
N ILE A 597 2.81 -15.60 23.01
CA ILE A 597 1.62 -14.78 22.80
C ILE A 597 0.38 -15.67 22.83
N LYS A 598 0.45 -16.85 22.23
CA LYS A 598 -0.68 -17.76 22.22
C LYS A 598 -0.93 -18.35 23.61
N LEU A 599 0.15 -18.67 24.33
CA LEU A 599 0.00 -19.18 25.68
C LEU A 599 -0.80 -18.21 26.55
N ASN A 600 -0.40 -16.94 26.57
CA ASN A 600 -0.99 -15.99 27.50
C ASN A 600 -2.35 -15.48 27.07
N VAL A 601 -2.68 -15.52 25.76
CA VAL A 601 -4.05 -15.23 25.35
C VAL A 601 -5.00 -16.28 25.91
N ALA A 602 -4.60 -17.55 25.86
CA ALA A 602 -5.40 -18.60 26.49
C ALA A 602 -5.49 -18.40 28.00
N ARG A 603 -4.39 -17.96 28.62
CA ARG A 603 -4.42 -17.70 30.06
C ARG A 603 -5.33 -16.53 30.40
N HIS A 604 -5.27 -15.46 29.60
CA HIS A 604 -6.14 -14.30 29.85
C HIS A 604 -7.61 -14.71 29.80
N GLN A 605 -7.98 -15.57 28.86
CA GLN A 605 -9.37 -16.01 28.74
C GLN A 605 -9.82 -16.84 29.93
N GLN A 606 -8.88 -17.42 30.67
CA GLN A 606 -9.23 -18.16 31.88
CA GLN A 606 -9.17 -18.18 31.88
C GLN A 606 -8.92 -17.38 33.16
N GLY A 607 -8.68 -16.07 33.03
CA GLY A 607 -8.45 -15.23 34.19
C GLY A 607 -7.09 -15.36 34.83
N GLN A 608 -6.08 -15.89 34.11
CA GLN A 608 -4.77 -16.10 34.69
CA GLN A 608 -4.76 -16.12 34.67
C GLN A 608 -3.79 -15.04 34.22
N PRO A 609 -2.79 -14.69 35.04
CA PRO A 609 -1.83 -13.66 34.66
C PRO A 609 -0.75 -14.21 33.74
N LEU A 610 0.08 -13.28 33.24
CA LEU A 610 1.08 -13.64 32.24
C LEU A 610 2.12 -14.59 32.81
N SER A 611 2.52 -15.56 31.99
CA SER A 611 3.59 -16.50 32.31
C SER A 611 4.59 -16.50 31.17
N LEU A 612 5.87 -16.30 31.49
CA LEU A 612 6.92 -16.20 30.49
C LEU A 612 8.21 -16.80 31.03
N PRO A 613 8.80 -17.81 30.37
CA PRO A 613 10.04 -18.40 30.88
C PRO A 613 11.15 -17.36 30.99
N VAL A 614 12.08 -17.63 31.89
CA VAL A 614 13.19 -16.72 32.12
CA VAL A 614 13.20 -16.72 32.13
C VAL A 614 14.06 -16.60 30.87
N HIS A 615 14.33 -17.73 30.20
CA HIS A 615 15.24 -17.71 29.06
C HIS A 615 14.70 -16.90 27.88
N VAL A 616 13.40 -16.59 27.85
CA VAL A 616 12.86 -15.77 26.78
C VAL A 616 13.22 -14.31 26.98
N ALA A 617 13.07 -13.81 28.21
CA ALA A 617 13.49 -12.44 28.50
C ALA A 617 14.99 -12.26 28.31
N ASP A 618 15.78 -13.29 28.63
CA ASP A 618 17.23 -13.18 28.48
C ASP A 618 17.66 -13.03 27.03
N ALA A 619 16.91 -13.62 26.10
CA ALA A 619 17.27 -13.47 24.69
C ALA A 619 17.18 -12.02 24.25
N PHE A 620 16.16 -11.30 24.72
CA PHE A 620 16.05 -9.88 24.40
C PHE A 620 17.03 -9.04 25.21
N ARG A 621 17.41 -9.49 26.41
CA ARG A 621 18.48 -8.82 27.14
C ARG A 621 19.78 -8.87 26.34
N ALA A 622 20.08 -10.03 25.74
CA ALA A 622 21.29 -10.16 24.94
C ALA A 622 21.27 -9.27 23.72
N VAL A 623 20.09 -9.05 23.13
CA VAL A 623 19.99 -8.14 21.99
C VAL A 623 20.34 -6.72 22.42
N LEU A 624 19.81 -6.30 23.58
CA LEU A 624 20.07 -4.94 24.05
C LEU A 624 21.56 -4.71 24.29
N LEU A 625 22.28 -5.73 24.74
CA LEU A 625 23.66 -5.58 25.17
C LEU A 625 24.67 -6.08 24.13
N ASP A 626 24.22 -6.40 22.92
CA ASP A 626 25.13 -6.83 21.86
C ASP A 626 25.61 -5.59 21.12
N GLU A 627 26.89 -5.27 21.26
CA GLU A 627 27.48 -4.09 20.64
CA GLU A 627 27.44 -4.07 20.64
C GLU A 627 27.77 -4.26 19.16
N LYS A 628 27.65 -5.48 18.64
CA LYS A 628 27.96 -5.71 17.23
CA LYS A 628 27.95 -5.79 17.24
C LYS A 628 26.71 -5.79 16.35
N ILE A 629 25.52 -5.68 16.93
CA ILE A 629 24.27 -5.73 16.17
CA ILE A 629 24.28 -5.73 16.17
C ILE A 629 23.94 -4.34 15.65
N ASP A 630 23.50 -4.27 14.40
CA ASP A 630 23.08 -3.01 13.81
C ASP A 630 21.92 -2.46 14.63
N PRO A 631 22.01 -1.23 15.15
CA PRO A 631 20.87 -0.70 15.93
C PRO A 631 19.57 -0.67 15.15
N ALA A 632 19.63 -0.60 13.81
CA ALA A 632 18.41 -0.67 13.03
C ALA A 632 17.70 -2.00 13.24
N LEU A 633 18.47 -3.09 13.32
CA LEU A 633 17.87 -4.41 13.55
C LEU A 633 17.41 -4.54 15.00
N ALA A 634 18.27 -4.17 15.95
CA ALA A 634 17.90 -4.28 17.36
C ALA A 634 16.57 -3.59 17.63
N ALA A 635 16.36 -2.43 17.03
CA ALA A 635 15.13 -1.68 17.28
C ALA A 635 13.90 -2.46 16.80
N GLU A 636 14.02 -3.21 15.72
CA GLU A 636 12.89 -3.97 15.19
CA GLU A 636 12.87 -3.96 15.22
C GLU A 636 12.62 -5.23 16.01
N ILE A 637 13.68 -5.87 16.50
CA ILE A 637 13.50 -7.02 17.38
C ILE A 637 12.82 -6.60 18.68
N LEU A 638 13.11 -5.38 19.14
CA LEU A 638 12.53 -4.84 20.37
C LEU A 638 11.19 -4.15 20.12
N THR A 639 10.62 -4.29 18.93
CA THR A 639 9.29 -3.78 18.62
C THR A 639 8.33 -4.97 18.58
N LEU A 640 7.43 -5.04 19.54
CA LEU A 640 6.53 -6.19 19.62
C LEU A 640 5.54 -6.18 18.46
N PRO A 641 5.03 -7.35 18.07
CA PRO A 641 4.03 -7.40 17.00
C PRO A 641 2.80 -6.55 17.34
N SER A 642 2.22 -5.95 16.30
CA SER A 642 0.99 -5.19 16.47
C SER A 642 -0.19 -6.13 16.73
N VAL A 643 -1.31 -5.54 17.18
CA VAL A 643 -2.48 -6.35 17.50
C VAL A 643 -3.01 -7.06 16.27
N ASN A 644 -2.82 -6.48 15.08
CA ASN A 644 -3.24 -7.14 13.85
C ASN A 644 -2.31 -8.27 13.45
N GLU A 645 -1.00 -8.13 13.70
CA GLU A 645 -0.09 -9.26 13.51
C GLU A 645 -0.43 -10.39 14.48
N MET A 646 -0.73 -10.05 15.73
CA MET A 646 -1.05 -11.07 16.73
CA MET A 646 -1.05 -11.08 16.72
C MET A 646 -2.34 -11.80 16.37
N ALA A 647 -3.33 -11.06 15.85
CA ALA A 647 -4.62 -11.67 15.51
C ALA A 647 -4.46 -12.83 14.53
N GLU A 648 -3.55 -12.68 13.56
CA GLU A 648 -3.34 -13.72 12.55
CA GLU A 648 -3.36 -13.72 12.56
C GLU A 648 -2.82 -15.02 13.13
N LEU A 649 -2.41 -15.03 14.40
CA LEU A 649 -1.94 -16.25 15.04
C LEU A 649 -3.08 -17.15 15.52
N PHE A 650 -4.33 -16.68 15.46
CA PHE A 650 -5.43 -17.35 16.13
C PHE A 650 -6.54 -17.72 15.15
N ASP A 651 -7.21 -18.84 15.43
CA ASP A 651 -8.34 -19.26 14.63
CA ASP A 651 -8.34 -19.26 14.63
C ASP A 651 -9.55 -18.37 14.87
N ILE A 652 -9.75 -17.94 16.12
CA ILE A 652 -10.83 -17.04 16.48
C ILE A 652 -10.20 -15.86 17.23
N ILE A 653 -10.46 -14.65 16.76
CA ILE A 653 -9.82 -13.46 17.33
C ILE A 653 -10.56 -13.05 18.58
N ASP A 654 -9.83 -12.98 19.70
CA ASP A 654 -10.29 -12.33 20.92
C ASP A 654 -9.55 -11.01 21.02
N PRO A 655 -10.12 -9.91 20.53
CA PRO A 655 -9.35 -8.65 20.48
C PRO A 655 -9.06 -8.05 21.83
N ILE A 656 -9.87 -8.33 22.85
CA ILE A 656 -9.62 -7.79 24.17
C ILE A 656 -8.47 -8.52 24.85
N ALA A 657 -8.39 -9.84 24.67
CA ALA A 657 -7.28 -10.60 25.24
C ALA A 657 -5.97 -10.25 24.56
N ILE A 658 -6.00 -10.06 23.24
CA ILE A 658 -4.79 -9.72 22.50
C ILE A 658 -4.23 -8.38 22.99
N ALA A 659 -5.11 -7.39 23.14
CA ALA A 659 -4.65 -6.05 23.51
C ALA A 659 -4.05 -6.05 24.91
N GLU A 660 -4.71 -6.71 25.87
CA GLU A 660 -4.23 -6.71 27.24
C GLU A 660 -3.00 -7.57 27.41
N VAL A 661 -2.87 -8.64 26.62
CA VAL A 661 -1.66 -9.46 26.66
C VAL A 661 -0.47 -8.69 26.10
N ARG A 662 -0.69 -7.86 25.08
CA ARG A 662 0.40 -7.06 24.54
C ARG A 662 0.92 -6.07 25.57
N GLU A 663 0.01 -5.45 26.33
CA GLU A 663 0.42 -4.54 27.39
C GLU A 663 1.12 -5.28 28.51
N ALA A 664 0.55 -6.40 28.96
CA ALA A 664 1.15 -7.16 30.04
C ALA A 664 2.55 -7.65 29.66
N LEU A 665 2.73 -8.07 28.40
CA LEU A 665 4.05 -8.46 27.93
C LEU A 665 5.00 -7.27 27.95
N THR A 666 4.51 -6.09 27.55
CA THR A 666 5.33 -4.88 27.61
C THR A 666 5.73 -4.55 29.04
N ARG A 667 4.80 -4.68 29.99
CA ARG A 667 5.12 -4.39 31.38
CA ARG A 667 5.12 -4.39 31.38
C ARG A 667 6.13 -5.39 31.94
N THR A 668 5.99 -6.67 31.59
CA THR A 668 6.89 -7.68 32.12
C THR A 668 8.32 -7.44 31.64
N LEU A 669 8.50 -7.21 30.34
CA LEU A 669 9.84 -6.97 29.83
C LEU A 669 10.42 -5.66 30.35
N ALA A 670 9.56 -4.66 30.56
CA ALA A 670 10.03 -3.39 31.10
C ALA A 670 10.57 -3.54 32.52
N THR A 671 9.99 -4.45 33.30
CA THR A 671 10.45 -4.65 34.67
C THR A 671 11.70 -5.52 34.72
N GLU A 672 11.75 -6.58 33.90
CA GLU A 672 12.90 -7.47 33.93
CA GLU A 672 12.90 -7.47 33.91
C GLU A 672 14.13 -6.84 33.28
N LEU A 673 13.94 -5.90 32.34
CA LEU A 673 15.04 -5.30 31.62
C LEU A 673 15.21 -3.81 31.94
N ALA A 674 14.68 -3.35 33.07
CA ALA A 674 14.63 -1.91 33.34
C ALA A 674 15.99 -1.26 33.23
N ASP A 675 17.01 -1.87 33.86
CA ASP A 675 18.33 -1.26 33.89
C ASP A 675 18.94 -1.22 32.50
N GLU A 676 18.85 -2.33 31.76
CA GLU A 676 19.43 -2.37 30.42
C GLU A 676 18.72 -1.39 29.49
N LEU A 677 17.40 -1.29 29.60
CA LEU A 677 16.65 -0.38 28.73
C LEU A 677 17.09 1.06 28.93
N LEU A 678 17.29 1.47 30.20
CA LEU A 678 17.66 2.85 30.46
C LEU A 678 19.07 3.16 29.97
N ALA A 679 19.98 2.19 30.09
CA ALA A 679 21.35 2.40 29.62
C ALA A 679 21.39 2.59 28.11
N ILE A 680 20.74 1.69 27.36
CA ILE A 680 20.72 1.80 25.90
C ILE A 680 19.99 3.08 25.48
N TYR A 681 18.94 3.44 26.21
CA TYR A 681 18.22 4.68 25.92
C TYR A 681 19.14 5.89 26.02
N ASN A 682 19.91 5.98 27.12
CA ASN A 682 20.80 7.12 27.31
C ASN A 682 21.98 7.09 26.34
N ALA A 683 22.45 5.89 25.97
CA ALA A 683 23.63 5.78 25.12
C ALA A 683 23.35 6.24 23.70
N ASN A 684 22.10 6.21 23.24
CA ASN A 684 21.76 6.58 21.89
C ASN A 684 21.20 7.99 21.78
N TYR A 685 21.39 8.81 22.82
CA TYR A 685 21.01 10.21 22.74
C TYR A 685 21.80 10.90 21.64
N GLN A 686 21.14 11.80 20.91
CA GLN A 686 21.75 12.55 19.82
C GLN A 686 21.31 14.00 19.94
N SER A 687 22.28 14.90 20.09
CA SER A 687 21.96 16.32 20.21
C SER A 687 21.55 16.91 18.86
N GLU A 688 22.29 16.59 17.81
CA GLU A 688 21.96 17.05 16.48
C GLU A 688 20.89 16.14 15.88
N TYR A 689 19.94 16.75 15.17
CA TYR A 689 18.93 16.00 14.42
C TYR A 689 19.32 16.02 12.95
N ARG A 690 19.47 14.83 12.37
CA ARG A 690 19.77 14.68 10.95
C ARG A 690 18.82 13.65 10.37
N VAL A 691 18.34 13.91 9.16
CA VAL A 691 17.57 12.92 8.42
C VAL A 691 18.55 12.04 7.66
N GLU A 692 19.24 11.16 8.39
CA GLU A 692 20.23 10.26 7.81
C GLU A 692 20.05 8.88 8.42
N HIS A 693 20.25 7.85 7.59
CA HIS A 693 19.82 6.50 7.96
C HIS A 693 20.50 6.03 9.24
N GLU A 694 21.79 6.32 9.42
CA GLU A 694 22.44 5.94 10.66
CA GLU A 694 22.46 5.95 10.66
C GLU A 694 21.84 6.66 11.86
N ASP A 695 21.54 7.95 11.71
CA ASP A 695 20.90 8.68 12.80
C ASP A 695 19.49 8.17 13.04
N ILE A 696 18.76 7.84 11.97
CA ILE A 696 17.40 7.33 12.13
C ILE A 696 17.40 6.01 12.89
N ALA A 697 18.41 5.18 12.64
CA ALA A 697 18.47 3.88 13.30
C ALA A 697 18.66 4.03 14.81
N LYS A 698 19.66 4.81 15.22
CA LYS A 698 19.88 5.06 16.64
C LYS A 698 18.63 5.61 17.30
N ARG A 699 17.92 6.50 16.60
CA ARG A 699 16.73 7.12 17.18
C ARG A 699 15.59 6.12 17.31
N THR A 700 15.48 5.16 16.39
CA THR A 700 14.45 4.13 16.51
CA THR A 700 14.44 4.14 16.51
C THR A 700 14.74 3.19 17.67
N LEU A 701 16.02 2.88 17.90
CA LEU A 701 16.38 2.04 19.04
C LEU A 701 16.12 2.76 20.36
N ARG A 702 16.46 4.05 20.42
CA ARG A 702 16.20 4.82 21.63
C ARG A 702 14.71 4.87 21.94
N ASN A 703 13.88 5.18 20.94
CA ASN A 703 12.45 5.29 21.16
C ASN A 703 11.77 3.93 21.33
N ALA A 704 12.40 2.85 20.88
CA ALA A 704 11.89 1.52 21.20
C ALA A 704 12.10 1.22 22.69
N CYS A 705 13.26 1.57 23.24
CA CYS A 705 13.46 1.45 24.68
C CYS A 705 12.47 2.32 25.44
N LEU A 706 12.19 3.52 24.94
CA LEU A 706 11.27 4.42 25.62
C LEU A 706 9.89 3.81 25.80
N ARG A 707 9.45 2.99 24.83
CA ARG A 707 8.13 2.37 24.96
C ARG A 707 8.06 1.51 26.21
N PHE A 708 9.10 0.72 26.47
CA PHE A 708 9.12 -0.12 27.67
C PHE A 708 9.28 0.72 28.93
N LEU A 709 10.18 1.72 28.89
CA LEU A 709 10.43 2.54 30.07
C LEU A 709 9.18 3.27 30.52
N ALA A 710 8.27 3.57 29.59
CA ALA A 710 7.02 4.22 29.96
C ALA A 710 6.18 3.37 30.90
N PHE A 711 6.42 2.05 30.95
CA PHE A 711 5.69 1.13 31.81
C PHE A 711 6.47 0.74 33.06
N GLY A 712 7.51 1.49 33.41
CA GLY A 712 8.22 1.28 34.65
C GLY A 712 7.49 1.95 35.80
N GLU A 713 8.22 2.18 36.89
N GLU A 713 8.23 2.22 36.88
CA GLU A 713 7.64 2.88 38.03
CA GLU A 713 7.66 2.95 38.00
C GLU A 713 7.11 4.24 37.57
C GLU A 713 7.02 4.24 37.51
N THR A 714 5.90 4.57 38.03
N THR A 714 5.83 4.53 38.03
CA THR A 714 5.19 5.76 37.52
CA THR A 714 5.00 5.59 37.45
C THR A 714 6.07 7.00 37.62
C THR A 714 5.70 6.95 37.51
N HIS A 715 6.58 7.30 38.81
N HIS A 715 6.47 7.22 38.55
CA HIS A 715 7.32 8.54 38.99
CA HIS A 715 7.11 8.52 38.68
C HIS A 715 8.50 8.64 38.03
C HIS A 715 8.41 8.62 37.90
N LEU A 716 9.14 7.52 37.72
CA LEU A 716 10.28 7.54 36.82
C LEU A 716 9.82 7.70 35.37
N ALA A 717 8.80 6.95 34.96
CA ALA A 717 8.30 7.04 33.59
C ALA A 717 7.73 8.41 33.29
N ASP A 718 6.91 8.95 34.21
CA ASP A 718 6.27 10.24 33.96
C ASP A 718 7.30 11.35 33.79
N VAL A 719 8.43 11.26 34.49
CA VAL A 719 9.46 12.28 34.37
C VAL A 719 10.22 12.13 33.06
N LEU A 720 10.55 10.90 32.68
CA LEU A 720 11.31 10.67 31.44
CA LEU A 720 11.32 10.69 31.45
C LEU A 720 10.49 11.07 30.22
N VAL A 721 9.22 10.64 30.17
CA VAL A 721 8.39 10.90 29.01
C VAL A 721 8.14 12.40 28.85
N SER A 722 7.73 13.06 29.94
CA SER A 722 7.48 14.50 29.89
CA SER A 722 7.47 14.50 29.88
C SER A 722 8.74 15.26 29.49
N LYS A 723 9.90 14.80 29.96
CA LYS A 723 11.16 15.47 29.63
C LYS A 723 11.45 15.37 28.14
N GLN A 724 11.32 14.18 27.56
CA GLN A 724 11.59 14.02 26.13
C GLN A 724 10.64 14.88 25.30
N PHE A 725 9.37 14.96 25.72
CA PHE A 725 8.41 15.76 24.97
C PHE A 725 8.80 17.23 24.95
N HIS A 726 9.17 17.78 26.11
CA HIS A 726 9.44 19.20 26.21
C HIS A 726 10.81 19.59 25.67
N GLU A 727 11.77 18.68 25.64
CA GLU A 727 13.12 18.98 25.17
C GLU A 727 13.36 18.58 23.72
N ALA A 728 12.45 17.85 23.10
CA ALA A 728 12.66 17.38 21.73
C ALA A 728 12.92 18.56 20.81
N ASN A 729 13.91 18.40 19.92
CA ASN A 729 14.17 19.36 18.85
C ASN A 729 13.64 18.87 17.50
N ASN A 730 12.84 17.81 17.50
CA ASN A 730 12.27 17.27 16.28
C ASN A 730 10.97 16.55 16.62
N MET A 731 10.11 16.40 15.61
CA MET A 731 8.80 15.80 15.85
C MET A 731 8.90 14.29 16.08
N THR A 732 9.93 13.63 15.55
CA THR A 732 10.08 12.20 15.81
C THR A 732 10.15 11.92 17.31
N ASP A 733 11.04 12.63 18.01
CA ASP A 733 11.21 12.39 19.44
C ASP A 733 10.02 12.92 20.24
N ALA A 734 9.38 13.99 19.79
CA ALA A 734 8.24 14.54 20.54
C ALA A 734 7.04 13.61 20.46
N LEU A 735 6.75 13.07 19.28
CA LEU A 735 5.59 12.20 19.14
C LEU A 735 5.80 10.85 19.82
N ALA A 736 7.04 10.34 19.84
CA ALA A 736 7.30 9.09 20.54
C ALA A 736 7.00 9.23 22.03
N ALA A 737 7.34 10.38 22.62
CA ALA A 737 7.02 10.62 24.02
C ALA A 737 5.51 10.76 24.23
N LEU A 738 4.86 11.53 23.36
CA LEU A 738 3.42 11.71 23.49
C LEU A 738 2.68 10.38 23.32
N SER A 739 3.14 9.55 22.38
CA SER A 739 2.51 8.25 22.19
CA SER A 739 2.51 8.24 22.19
C SER A 739 2.67 7.38 23.43
N ALA A 740 3.85 7.43 24.06
CA ALA A 740 4.09 6.61 25.25
C ALA A 740 3.21 7.07 26.41
N ALA A 741 2.99 8.38 26.54
CA ALA A 741 2.13 8.88 27.60
C ALA A 741 0.71 8.39 27.43
N VAL A 742 0.20 8.36 26.20
CA VAL A 742 -1.14 7.83 25.95
C VAL A 742 -1.17 6.33 26.21
N ALA A 743 -0.16 5.61 25.73
CA ALA A 743 -0.17 4.14 25.82
C ALA A 743 -0.14 3.67 27.28
N ALA A 744 0.66 4.33 28.11
CA ALA A 744 0.80 3.94 29.51
C ALA A 744 -0.15 4.71 30.43
N GLN A 745 -0.94 5.64 29.89
CA GLN A 745 -1.89 6.41 30.69
C GLN A 745 -1.18 7.13 31.83
N LEU A 746 -0.04 7.75 31.52
CA LEU A 746 0.75 8.43 32.51
C LEU A 746 0.05 9.72 32.96
N PRO A 747 0.38 10.21 34.16
CA PRO A 747 -0.32 11.40 34.67
C PRO A 747 -0.16 12.64 33.79
N CYS A 748 0.93 12.76 33.05
CA CYS A 748 1.16 13.93 32.22
C CYS A 748 0.38 13.90 30.91
N ARG A 749 -0.30 12.80 30.59
CA ARG A 749 -0.93 12.65 29.28
C ARG A 749 -1.80 13.85 28.93
N ASP A 750 -2.81 14.14 29.75
CA ASP A 750 -3.79 15.16 29.40
C ASP A 750 -3.13 16.51 29.15
N ALA A 751 -2.13 16.87 29.95
CA ALA A 751 -1.47 18.16 29.77
C ALA A 751 -0.71 18.19 28.45
N LEU A 752 0.06 17.13 28.16
CA LEU A 752 0.83 17.10 26.91
C LEU A 752 -0.10 17.14 25.71
N MET A 753 -1.22 16.40 25.75
CA MET A 753 -2.14 16.38 24.62
C MET A 753 -2.78 17.74 24.40
N GLN A 754 -3.01 18.51 25.47
CA GLN A 754 -3.58 19.84 25.32
C GLN A 754 -2.57 20.81 24.72
N GLU A 755 -1.30 20.72 25.13
CA GLU A 755 -0.28 21.60 24.57
C GLU A 755 -0.09 21.34 23.09
N TYR A 756 -0.04 20.06 22.70
CA TYR A 756 0.07 19.71 21.29
C TYR A 756 -1.07 20.33 20.48
N ASP A 757 -2.30 20.17 20.96
CA ASP A 757 -3.46 20.78 20.30
C ASP A 757 -3.31 22.30 20.23
N ASP A 758 -3.03 22.93 21.38
CA ASP A 758 -2.92 24.39 21.40
C ASP A 758 -1.89 24.91 20.42
N LYS A 759 -0.86 24.11 20.13
CA LYS A 759 0.23 24.56 19.26
C LYS A 759 0.00 24.23 17.80
N TRP A 760 -0.62 23.09 17.49
CA TRP A 760 -0.67 22.58 16.13
C TRP A 760 -2.06 22.54 15.50
N HIS A 761 -3.09 23.03 16.20
CA HIS A 761 -4.46 22.82 15.74
C HIS A 761 -4.73 23.38 14.35
N GLN A 762 -3.88 24.27 13.85
CA GLN A 762 -4.08 24.84 12.53
CA GLN A 762 -4.06 24.85 12.53
C GLN A 762 -3.36 24.07 11.43
N ASN A 763 -2.59 23.03 11.78
CA ASN A 763 -1.87 22.21 10.81
C ASN A 763 -2.53 20.83 10.78
N GLY A 764 -3.31 20.57 9.72
CA GLY A 764 -4.06 19.33 9.64
C GLY A 764 -3.17 18.09 9.63
N LEU A 765 -2.07 18.12 8.87
CA LEU A 765 -1.19 16.95 8.81
C LEU A 765 -0.63 16.62 10.19
N VAL A 766 -0.29 17.63 10.97
CA VAL A 766 0.26 17.39 12.31
C VAL A 766 -0.83 16.90 13.25
N MET A 767 -2.05 17.41 13.09
CA MET A 767 -3.16 16.98 13.95
C MET A 767 -3.60 15.56 13.64
N ASP A 768 -3.38 15.06 12.42
CA ASP A 768 -3.73 13.68 12.11
C ASP A 768 -3.08 12.71 13.09
N LYS A 769 -1.79 12.93 13.38
CA LYS A 769 -1.13 12.04 14.34
CA LYS A 769 -1.09 12.08 14.35
C LYS A 769 -1.75 12.17 15.73
N TRP A 770 -2.28 13.34 16.07
CA TRP A 770 -2.97 13.54 17.34
C TRP A 770 -4.28 12.76 17.37
N PHE A 771 -5.05 12.79 16.29
CA PHE A 771 -6.29 12.03 16.23
C PHE A 771 -6.03 10.53 16.30
N ILE A 772 -4.95 10.06 15.66
CA ILE A 772 -4.62 8.64 15.71
C ILE A 772 -4.38 8.19 17.14
N LEU A 773 -3.72 9.04 17.94
CA LEU A 773 -3.47 8.69 19.33
C LEU A 773 -4.76 8.64 20.13
N GLN A 774 -5.66 9.61 19.91
CA GLN A 774 -6.94 9.59 20.59
C GLN A 774 -7.74 8.34 20.24
N ALA A 775 -7.74 7.97 18.95
CA ALA A 775 -8.57 6.85 18.49
C ALA A 775 -8.01 5.51 18.93
N THR A 776 -6.70 5.42 19.14
CA THR A 776 -6.05 4.18 19.57
C THR A 776 -5.74 4.16 21.06
N SER A 777 -6.32 5.07 21.83
CA SER A 777 -5.99 5.14 23.25
C SER A 777 -6.54 3.93 23.99
N PRO A 778 -5.82 3.41 24.98
CA PRO A 778 -6.36 2.32 25.81
C PRO A 778 -7.31 2.79 26.91
N ALA A 779 -7.59 4.08 27.00
CA ALA A 779 -8.49 4.59 28.02
C ALA A 779 -9.89 3.98 27.86
N ALA A 780 -10.55 3.76 28.99
CA ALA A 780 -11.84 3.08 29.00
C ALA A 780 -12.93 3.92 28.33
N ASN A 781 -12.75 5.23 28.21
CA ASN A 781 -13.75 6.11 27.62
C ASN A 781 -13.32 6.60 26.24
N VAL A 782 -12.59 5.78 25.49
CA VAL A 782 -12.05 6.21 24.21
C VAL A 782 -13.16 6.55 23.23
N LEU A 783 -14.21 5.73 23.18
CA LEU A 783 -15.30 5.99 22.24
C LEU A 783 -15.97 7.32 22.53
N GLU A 784 -16.26 7.59 23.80
CA GLU A 784 -16.83 8.88 24.20
C GLU A 784 -15.95 10.03 23.70
N THR A 785 -14.63 9.88 23.79
CA THR A 785 -13.73 10.94 23.34
C THR A 785 -13.73 11.06 21.83
N VAL A 786 -13.77 9.93 21.12
CA VAL A 786 -13.77 9.95 19.66
C VAL A 786 -15.00 10.68 19.13
N ARG A 787 -16.18 10.33 19.66
CA ARG A 787 -17.41 11.01 19.23
CA ARG A 787 -17.40 11.00 19.20
C ARG A 787 -17.33 12.51 19.45
N GLY A 788 -16.83 12.92 20.61
CA GLY A 788 -16.70 14.34 20.88
C GLY A 788 -15.77 15.05 19.92
N LEU A 789 -14.73 14.35 19.45
CA LEU A 789 -13.79 14.94 18.51
C LEU A 789 -14.39 15.16 17.13
N LEU A 790 -15.57 14.63 16.85
CA LEU A 790 -16.25 14.95 15.60
C LEU A 790 -16.56 16.43 15.49
N GLN A 791 -16.58 17.16 16.62
CA GLN A 791 -16.80 18.60 16.64
C GLN A 791 -15.51 19.37 16.89
N HIS A 792 -14.35 18.71 16.85
CA HIS A 792 -13.10 19.39 17.14
C HIS A 792 -12.77 20.40 16.04
N ARG A 793 -12.11 21.49 16.45
CA ARG A 793 -11.81 22.59 15.54
C ARG A 793 -10.95 22.16 14.37
N SER A 794 -10.25 21.03 14.46
CA SER A 794 -9.34 20.58 13.41
C SER A 794 -9.91 19.41 12.60
N PHE A 795 -11.12 18.94 12.91
CA PHE A 795 -11.71 17.81 12.21
C PHE A 795 -12.80 18.29 11.26
N THR A 796 -12.96 17.56 10.16
CA THR A 796 -14.07 17.81 9.24
C THR A 796 -14.31 16.56 8.40
N MET A 797 -15.58 16.21 8.24
CA MET A 797 -15.96 15.07 7.41
C MET A 797 -15.69 15.30 5.93
N SER A 798 -15.30 16.51 5.53
CA SER A 798 -15.04 16.83 4.14
C SER A 798 -13.61 16.52 3.71
N ASN A 799 -12.76 16.07 4.61
CA ASN A 799 -11.35 15.83 4.31
C ASN A 799 -11.01 14.37 4.57
N PRO A 800 -10.64 13.59 3.54
CA PRO A 800 -10.36 12.17 3.78
C PRO A 800 -9.26 11.90 4.80
N ASN A 801 -8.23 12.74 4.89
CA ASN A 801 -7.15 12.50 5.84
CA ASN A 801 -7.16 12.49 5.84
C ASN A 801 -7.67 12.53 7.27
N ARG A 802 -8.48 13.53 7.60
CA ARG A 802 -9.05 13.62 8.95
C ARG A 802 -9.92 12.41 9.26
N ILE A 803 -10.74 11.99 8.28
CA ILE A 803 -11.63 10.85 8.49
C ILE A 803 -10.83 9.61 8.86
N ARG A 804 -9.78 9.33 8.09
CA ARG A 804 -9.01 8.11 8.31
CA ARG A 804 -9.01 8.11 8.32
C ARG A 804 -8.17 8.19 9.58
N SER A 805 -7.80 9.40 10.01
CA SER A 805 -6.98 9.54 11.20
CA SER A 805 -6.98 9.54 11.20
C SER A 805 -7.79 9.34 12.48
N LEU A 806 -9.09 9.63 12.46
CA LEU A 806 -9.94 9.49 13.64
C LEU A 806 -10.86 8.30 13.54
N ILE A 807 -11.70 8.23 12.51
CA ILE A 807 -12.66 7.15 12.39
C ILE A 807 -11.97 5.86 11.99
N GLY A 808 -11.13 5.93 10.95
CA GLY A 808 -10.47 4.73 10.46
C GLY A 808 -9.52 4.13 11.47
N ALA A 809 -8.74 4.98 12.15
CA ALA A 809 -7.82 4.48 13.17
C ALA A 809 -8.57 3.79 14.30
N PHE A 810 -9.75 4.31 14.64
CA PHE A 810 -10.55 3.68 15.70
C PHE A 810 -11.01 2.29 15.29
N ALA A 811 -11.68 2.18 14.13
CA ALA A 811 -12.26 0.90 13.73
C ALA A 811 -11.20 -0.10 13.31
N GLY A 812 -10.09 0.35 12.74
CA GLY A 812 -9.10 -0.55 12.20
C GLY A 812 -7.92 -0.84 13.11
N SER A 813 -7.53 0.14 13.93
CA SER A 813 -6.33 0.02 14.75
C SER A 813 -6.62 -0.05 16.25
N ASN A 814 -7.87 0.06 16.67
CA ASN A 814 -8.27 -0.14 18.06
C ASN A 814 -9.34 -1.22 18.14
N PRO A 815 -9.06 -2.43 17.66
CA PRO A 815 -10.09 -3.49 17.66
C PRO A 815 -10.63 -3.80 19.04
N ALA A 816 -9.84 -3.60 20.10
CA ALA A 816 -10.35 -3.87 21.44
C ALA A 816 -11.53 -2.97 21.77
N ALA A 817 -11.48 -1.71 21.33
CA ALA A 817 -12.59 -0.79 21.56
C ALA A 817 -13.65 -0.89 20.47
N PHE A 818 -13.23 -1.09 19.22
CA PHE A 818 -14.21 -1.28 18.16
C PHE A 818 -15.07 -2.50 18.42
N HIS A 819 -14.47 -3.55 18.98
CA HIS A 819 -15.17 -4.79 19.33
C HIS A 819 -15.60 -4.82 20.78
N ALA A 820 -15.94 -3.67 21.37
CA ALA A 820 -16.52 -3.66 22.70
C ALA A 820 -17.71 -4.63 22.76
N GLU A 821 -17.85 -5.31 23.90
CA GLU A 821 -18.86 -6.35 24.03
CA GLU A 821 -18.86 -6.36 23.98
C GLU A 821 -20.28 -5.79 23.89
N ASP A 822 -20.48 -4.52 24.24
CA ASP A 822 -21.81 -3.91 24.14
C ASP A 822 -22.17 -3.50 22.72
N GLY A 823 -21.26 -3.67 21.75
CA GLY A 823 -21.56 -3.32 20.37
C GLY A 823 -21.55 -1.85 20.05
N SER A 824 -21.10 -1.00 20.98
CA SER A 824 -21.14 0.44 20.74
C SER A 824 -20.23 0.82 19.57
N GLY A 825 -19.17 0.05 19.33
CA GLY A 825 -18.27 0.36 18.23
C GLY A 825 -18.92 0.14 16.87
N TYR A 826 -19.72 -0.92 16.74
CA TYR A 826 -20.39 -1.17 15.48
C TYR A 826 -21.40 -0.08 15.16
N LEU A 827 -22.14 0.38 16.17
CA LEU A 827 -23.16 1.39 15.92
C LEU A 827 -22.54 2.73 15.54
N PHE A 828 -21.41 3.07 16.15
CA PHE A 828 -20.71 4.29 15.78
C PHE A 828 -20.32 4.27 14.31
N LEU A 829 -19.75 3.15 13.84
CA LEU A 829 -19.32 3.07 12.46
C LEU A 829 -20.50 3.12 11.50
N VAL A 830 -21.62 2.50 11.87
CA VAL A 830 -22.82 2.56 11.01
C VAL A 830 -23.23 4.00 10.77
N GLU A 831 -23.23 4.82 11.83
CA GLU A 831 -23.58 6.23 11.68
CA GLU A 831 -23.58 6.23 11.67
C GLU A 831 -22.62 6.93 10.71
N MET A 832 -21.31 6.71 10.90
CA MET A 832 -20.34 7.36 10.05
C MET A 832 -20.50 6.93 8.59
N LEU A 833 -20.70 5.63 8.36
CA LEU A 833 -20.83 5.13 7.00
C LEU A 833 -22.13 5.58 6.36
N THR A 834 -23.19 5.80 7.15
CA THR A 834 -24.42 6.34 6.60
C THR A 834 -24.18 7.70 5.97
N ASP A 835 -23.31 8.50 6.59
CA ASP A 835 -22.92 9.79 6.02
C ASP A 835 -22.05 9.60 4.78
N LEU A 836 -20.96 8.85 4.93
CA LEU A 836 -19.95 8.78 3.87
C LEU A 836 -20.43 8.00 2.65
N ASN A 837 -21.45 7.15 2.79
CA ASN A 837 -21.97 6.45 1.63
C ASN A 837 -22.48 7.43 0.58
N SER A 838 -23.07 8.54 1.01
CA SER A 838 -23.54 9.56 0.10
C SER A 838 -22.47 10.60 -0.22
N ARG A 839 -21.58 10.88 0.73
CA ARG A 839 -20.60 11.95 0.55
C ARG A 839 -19.39 11.49 -0.25
N ASN A 840 -18.79 10.36 0.13
CA ASN A 840 -17.50 9.93 -0.43
C ASN A 840 -17.44 8.41 -0.37
N PRO A 841 -18.09 7.73 -1.32
CA PRO A 841 -18.14 6.26 -1.24
C PRO A 841 -16.77 5.60 -1.19
N GLN A 842 -15.78 6.15 -1.87
CA GLN A 842 -14.44 5.55 -1.88
CA GLN A 842 -14.46 5.54 -1.88
C GLN A 842 -13.87 5.49 -0.47
N VAL A 843 -14.02 6.55 0.31
CA VAL A 843 -13.53 6.54 1.68
C VAL A 843 -14.39 5.65 2.55
N ALA A 844 -15.70 5.59 2.30
CA ALA A 844 -16.57 4.71 3.07
C ALA A 844 -16.18 3.25 2.87
N SER A 845 -15.82 2.87 1.64
CA SER A 845 -15.48 1.48 1.37
C SER A 845 -14.25 1.03 2.15
N ARG A 846 -13.31 1.94 2.39
CA ARG A 846 -12.14 1.58 3.19
C ARG A 846 -12.49 1.45 4.66
N LEU A 847 -13.44 2.25 5.15
CA LEU A 847 -13.81 2.20 6.56
CA LEU A 847 -13.83 2.21 6.56
C LEU A 847 -14.67 1.01 6.92
N ILE A 848 -15.31 0.36 5.94
CA ILE A 848 -16.19 -0.77 6.26
C ILE A 848 -15.43 -2.08 6.41
N GLU A 849 -14.14 -2.11 6.07
CA GLU A 849 -13.40 -3.36 6.08
C GLU A 849 -13.42 -4.07 7.43
N PRO A 850 -13.34 -3.39 8.58
CA PRO A 850 -13.40 -4.11 9.86
C PRO A 850 -14.67 -4.92 10.05
N LEU A 851 -15.79 -4.50 9.46
CA LEU A 851 -17.04 -5.23 9.63
C LEU A 851 -17.09 -6.51 8.81
N ILE A 852 -16.41 -6.56 7.66
N ILE A 852 -16.40 -6.54 7.67
CA ILE A 852 -16.50 -7.75 6.80
CA ILE A 852 -16.42 -7.69 6.78
C ILE A 852 -15.63 -8.88 7.30
C ILE A 852 -15.77 -8.91 7.40
N ARG A 853 -14.93 -8.71 8.42
CA ARG A 853 -14.17 -9.79 9.05
C ARG A 853 -14.97 -10.48 10.16
N LEU A 854 -16.30 -10.34 10.17
CA LEU A 854 -17.09 -10.82 11.29
CA LEU A 854 -17.08 -10.81 11.31
C LEU A 854 -16.88 -12.30 11.56
N LYS A 855 -16.66 -13.11 10.52
CA LYS A 855 -16.58 -14.55 10.72
C LYS A 855 -15.34 -15.00 11.51
N ARG A 856 -14.40 -14.10 11.77
N ARG A 856 -14.39 -14.10 11.76
CA ARG A 856 -13.22 -14.42 12.57
CA ARG A 856 -13.23 -14.43 12.57
C ARG A 856 -13.48 -14.31 14.07
C ARG A 856 -13.40 -14.08 14.05
N TYR A 857 -14.62 -13.78 14.48
CA TYR A 857 -14.92 -13.47 15.87
C TYR A 857 -15.96 -14.44 16.43
N ASP A 858 -16.28 -14.27 17.71
CA ASP A 858 -17.20 -15.18 18.39
C ASP A 858 -18.64 -14.90 17.96
N ALA A 859 -19.51 -15.87 18.24
CA ALA A 859 -20.87 -15.85 17.70
C ALA A 859 -21.64 -14.62 18.16
N LYS A 860 -21.48 -14.23 19.43
CA LYS A 860 -22.17 -13.05 19.94
CA LYS A 860 -22.19 -13.06 19.92
C LYS A 860 -21.74 -11.80 19.19
N ARG A 861 -20.46 -11.71 18.85
CA ARG A 861 -19.98 -10.56 18.08
C ARG A 861 -20.44 -10.62 16.63
N GLN A 862 -20.44 -11.82 16.04
CA GLN A 862 -20.95 -11.97 14.68
C GLN A 862 -22.38 -11.47 14.57
N GLU A 863 -23.23 -11.83 15.53
CA GLU A 863 -24.63 -11.43 15.48
C GLU A 863 -24.76 -9.91 15.42
N LYS A 864 -24.01 -9.20 16.26
CA LYS A 864 -24.09 -7.75 16.26
CA LYS A 864 -24.07 -7.75 16.28
C LYS A 864 -23.54 -7.16 14.97
N MET A 865 -22.50 -7.78 14.41
CA MET A 865 -21.89 -7.25 13.20
C MET A 865 -22.77 -7.50 11.98
N ARG A 866 -23.42 -8.67 11.92
CA ARG A 866 -24.39 -8.91 10.85
C ARG A 866 -25.53 -7.91 10.91
N ALA A 867 -26.04 -7.63 12.11
CA ALA A 867 -27.11 -6.65 12.24
C ALA A 867 -26.68 -5.29 11.72
N ALA A 868 -25.42 -4.90 11.98
CA ALA A 868 -24.92 -3.64 11.47
C ALA A 868 -24.83 -3.66 9.94
N LEU A 869 -24.38 -4.76 9.36
CA LEU A 869 -24.32 -4.86 7.91
C LEU A 869 -25.71 -4.85 7.30
N GLU A 870 -26.69 -5.46 7.96
CA GLU A 870 -28.05 -5.45 7.43
CA GLU A 870 -28.06 -5.45 7.46
C GLU A 870 -28.61 -4.03 7.39
N GLN A 871 -28.32 -3.22 8.41
CA GLN A 871 -28.78 -1.83 8.40
CA GLN A 871 -28.77 -1.82 8.40
CA GLN A 871 -28.76 -1.82 8.41
C GLN A 871 -28.21 -1.09 7.19
N LEU A 872 -26.89 -1.21 6.97
CA LEU A 872 -26.28 -0.54 5.82
C LEU A 872 -26.82 -1.09 4.51
N LYS A 873 -27.07 -2.40 4.46
CA LYS A 873 -27.60 -3.01 3.24
C LYS A 873 -28.91 -2.37 2.81
N GLY A 874 -29.69 -1.86 3.76
CA GLY A 874 -30.99 -1.28 3.44
C GLY A 874 -30.98 0.23 3.29
N LEU A 875 -29.81 0.82 3.09
CA LEU A 875 -29.72 2.27 2.96
C LEU A 875 -30.32 2.73 1.62
N GLU A 876 -30.80 3.96 1.62
CA GLU A 876 -31.25 4.57 0.37
CA GLU A 876 -31.25 4.59 0.38
C GLU A 876 -30.04 5.01 -0.43
N ASN A 877 -30.05 4.71 -1.73
CA ASN A 877 -28.94 5.06 -2.61
C ASN A 877 -27.63 4.44 -2.12
N LEU A 878 -27.68 3.14 -1.84
CA LEU A 878 -26.49 2.41 -1.45
C LEU A 878 -25.50 2.38 -2.60
N SER A 879 -24.30 2.89 -2.36
CA SER A 879 -23.29 2.93 -3.40
C SER A 879 -22.83 1.51 -3.75
N GLY A 880 -22.40 1.35 -5.00
CA GLY A 880 -21.86 0.07 -5.42
C GLY A 880 -20.61 -0.31 -4.66
N ASP A 881 -19.83 0.69 -4.23
CA ASP A 881 -18.62 0.42 -3.45
C ASP A 881 -18.94 -0.44 -2.24
N LEU A 882 -19.94 -0.04 -1.45
CA LEU A 882 -20.30 -0.79 -0.25
C LEU A 882 -21.14 -2.02 -0.57
N TYR A 883 -21.96 -1.96 -1.63
CA TYR A 883 -22.81 -3.10 -1.96
C TYR A 883 -21.98 -4.35 -2.22
N GLU A 884 -20.86 -4.22 -2.94
CA GLU A 884 -20.02 -5.37 -3.23
C GLU A 884 -19.50 -6.01 -1.96
N LYS A 885 -19.03 -5.20 -1.01
CA LYS A 885 -18.45 -5.75 0.22
C LYS A 885 -19.52 -6.29 1.16
N ILE A 886 -20.63 -5.56 1.33
CA ILE A 886 -21.71 -6.03 2.20
C ILE A 886 -22.25 -7.36 1.72
N THR A 887 -22.43 -7.50 0.40
CA THR A 887 -22.99 -8.74 -0.14
C THR A 887 -22.08 -9.93 0.14
N LYS A 888 -20.77 -9.77 -0.08
CA LYS A 888 -19.84 -10.86 0.21
C LYS A 888 -19.77 -11.16 1.71
N ALA A 889 -19.95 -10.15 2.56
CA ALA A 889 -19.84 -10.35 4.00
C ALA A 889 -21.03 -11.13 4.56
N LEU A 890 -22.23 -10.87 4.04
CA LEU A 890 -23.43 -11.52 4.54
C LEU A 890 -23.70 -12.87 3.88
N ALA A 891 -22.92 -13.26 2.89
CA ALA A 891 -23.13 -14.54 2.21
C ALA A 891 -22.79 -15.70 3.11
#